data_3EJA
#
_entry.id   3EJA
#
_cell.length_a   221.461
_cell.length_b   221.461
_cell.length_c   221.461
_cell.angle_alpha   90.00
_cell.angle_beta   90.00
_cell.angle_gamma   90.00
#
_symmetry.space_group_name_H-M   'F 2 3'
#
loop_
_entity.id
_entity.type
_entity.pdbx_description
1 polymer 'protein GH61E'
2 non-polymer 2-acetamido-2-deoxy-beta-D-glucopyranose
3 non-polymer 'MAGNESIUM ION'
4 non-polymer 'SULFATE ION'
5 non-polymer GLYCEROL
6 water water
#
_entity_poly.entity_id   1
_entity_poly.type   'polypeptide(L)'
_entity_poly.pdbx_seq_one_letter_code
;HYTWPRVNDGADWQQVRKADNWQDNGYVGDVTSPQIRCFQATPSPAPSVLNTTAGSTVTYWANPDVYHPGPVQFYMARVP
DGEDINSWNGDGAVWFKVYEDHPTFGAQLTWPSTGKSSFAVPIPPCIKSGYYLLRAEQIGLHVAQSVGGAQFYISCAQLS
VTGGGSTEPPNKVAFPGAYSATDPGILINIYYPVPTSYQNPGPAVFSC
;
_entity_poly.pdbx_strand_id   A,B,C,D
#
loop_
_chem_comp.id
_chem_comp.type
_chem_comp.name
_chem_comp.formula
GOL non-polymer GLYCEROL 'C3 H8 O3'
MG non-polymer 'MAGNESIUM ION' 'Mg 2'
NAG D-saccharide, beta linking 2-acetamido-2-deoxy-beta-D-glucopyranose 'C8 H15 N O6'
SO4 non-polymer 'SULFATE ION' 'O4 S -2'
#
# COMPACT_ATOMS: atom_id res chain seq x y z
N HIS A 1 20.94 -11.78 -14.26
CA HIS A 1 19.54 -12.09 -14.64
C HIS A 1 19.26 -13.57 -14.56
N TYR A 2 18.60 -13.94 -13.47
CA TYR A 2 18.24 -15.33 -13.22
C TYR A 2 17.01 -15.40 -12.34
N THR A 3 16.26 -16.47 -12.52
CA THR A 3 15.12 -16.77 -11.67
C THR A 3 15.55 -17.80 -10.62
N TRP A 4 14.70 -17.96 -9.60
CA TRP A 4 14.81 -19.08 -8.66
C TRP A 4 13.53 -19.93 -8.81
N PRO A 5 13.43 -20.72 -9.91
CA PRO A 5 12.11 -21.27 -10.30
C PRO A 5 11.68 -22.60 -9.65
N ARG A 6 12.61 -23.34 -9.06
CA ARG A 6 12.36 -24.73 -8.67
C ARG A 6 13.03 -25.15 -7.35
N VAL A 7 12.38 -26.08 -6.66
CA VAL A 7 12.98 -26.75 -5.51
C VAL A 7 13.00 -28.26 -5.75
N ASN A 8 14.03 -28.93 -5.21
CA ASN A 8 14.24 -30.37 -5.42
C ASN A 8 13.99 -30.83 -6.85
N ASP A 9 13.09 -31.80 -7.04
CA ASP A 9 12.82 -32.39 -8.36
C ASP A 9 11.58 -31.79 -9.04
N GLY A 10 11.05 -30.69 -8.49
CA GLY A 10 9.84 -30.06 -9.00
C GLY A 10 10.07 -29.26 -10.27
N ALA A 11 8.97 -28.94 -10.96
CA ALA A 11 9.03 -28.14 -12.18
C ALA A 11 9.02 -26.64 -11.86
N ASP A 12 9.24 -25.82 -12.88
CA ASP A 12 9.24 -24.36 -12.72
C ASP A 12 7.93 -23.91 -12.09
N TRP A 13 8.06 -23.21 -10.97
CA TRP A 13 6.91 -22.61 -10.25
C TRP A 13 5.85 -23.61 -9.78
N GLN A 14 6.27 -24.84 -9.52
CA GLN A 14 5.34 -25.87 -9.06
C GLN A 14 5.13 -25.79 -7.55
N GLN A 15 6.24 -25.85 -6.80
CA GLN A 15 6.22 -25.62 -5.35
C GLN A 15 6.75 -24.22 -5.03
N VAL A 16 7.11 -23.46 -6.07
CA VAL A 16 7.61 -22.09 -5.93
C VAL A 16 6.58 -21.09 -6.46
N ARG A 17 6.22 -20.09 -5.64
CA ARG A 17 5.28 -19.06 -6.10
C ARG A 17 5.88 -18.30 -7.28
N LYS A 18 5.07 -18.14 -8.33
CA LYS A 18 5.55 -17.61 -9.61
C LYS A 18 6.03 -16.17 -9.44
N ALA A 19 7.35 -16.00 -9.54
CA ALA A 19 7.94 -14.70 -9.36
C ALA A 19 7.58 -13.78 -10.54
N ASP A 20 7.51 -12.48 -10.26
CA ASP A 20 7.17 -11.50 -11.28
C ASP A 20 8.20 -11.44 -12.42
N ASN A 21 9.40 -11.96 -12.17
CA ASN A 21 10.46 -12.02 -13.20
C ASN A 21 10.51 -13.34 -13.99
N TRP A 22 9.41 -14.11 -13.95
CA TRP A 22 9.40 -15.44 -14.58
C TRP A 22 9.69 -15.41 -16.10
N GLN A 23 9.41 -14.28 -16.74
CA GLN A 23 9.70 -14.14 -18.17
C GLN A 23 11.01 -13.41 -18.47
N ASP A 24 11.32 -12.37 -17.70
CA ASP A 24 12.42 -11.46 -18.06
C ASP A 24 13.70 -11.64 -17.23
N ASN A 25 13.64 -12.54 -16.25
CA ASN A 25 14.74 -12.77 -15.31
C ASN A 25 15.28 -11.49 -14.63
N GLY A 26 14.42 -10.45 -14.55
CA GLY A 26 14.74 -9.16 -13.93
C GLY A 26 14.95 -9.24 -12.42
N TYR A 27 15.03 -8.08 -11.77
CA TYR A 27 15.40 -8.04 -10.34
C TYR A 27 14.54 -7.04 -9.55
N VAL A 28 14.57 -7.16 -8.22
CA VAL A 28 13.99 -6.15 -7.34
C VAL A 28 15.13 -5.18 -6.98
N GLY A 29 14.89 -3.88 -7.16
CA GLY A 29 15.86 -2.83 -6.81
C GLY A 29 15.47 -1.98 -5.60
N ASP A 30 14.22 -2.11 -5.16
CA ASP A 30 13.66 -1.28 -4.09
C ASP A 30 13.43 -2.13 -2.84
N VAL A 31 14.26 -1.96 -1.81
CA VAL A 31 14.15 -2.80 -0.60
C VAL A 31 12.89 -2.52 0.23
N THR A 32 12.20 -1.43 -0.11
CA THR A 32 10.97 -1.04 0.60
C THR A 32 9.71 -1.55 -0.14
N SER A 33 9.91 -2.17 -1.31
CA SER A 33 8.81 -2.68 -2.12
C SER A 33 8.30 -4.03 -1.58
N PRO A 34 6.99 -4.29 -1.73
CA PRO A 34 6.42 -5.62 -1.43
C PRO A 34 7.14 -6.76 -2.16
N GLN A 35 7.67 -6.50 -3.36
CA GLN A 35 8.43 -7.50 -4.12
C GLN A 35 9.69 -8.03 -3.40
N ILE A 36 10.22 -7.28 -2.45
CA ILE A 36 11.43 -7.69 -1.73
C ILE A 36 11.22 -9.00 -0.94
N ARG A 37 9.96 -9.31 -0.61
CA ARG A 37 9.66 -10.54 0.11
C ARG A 37 9.74 -11.79 -0.78
N CYS A 38 8.83 -11.91 -1.73
CA CYS A 38 8.73 -13.13 -2.58
C CYS A 38 8.65 -12.80 -4.08
N PHE A 39 9.04 -11.60 -4.46
CA PHE A 39 9.03 -11.13 -5.85
C PHE A 39 7.63 -11.25 -6.47
N GLN A 40 6.61 -10.93 -5.68
CA GLN A 40 5.23 -10.90 -6.17
C GLN A 40 4.56 -9.61 -5.72
N ALA A 41 4.27 -8.73 -6.67
CA ALA A 41 3.49 -7.51 -6.36
C ALA A 41 2.12 -7.88 -5.78
N THR A 42 1.52 -8.94 -6.31
CA THR A 42 0.32 -9.52 -5.72
C THR A 42 0.58 -10.98 -5.38
N PRO A 43 0.49 -11.32 -4.08
CA PRO A 43 0.75 -12.70 -3.68
C PRO A 43 -0.16 -13.70 -4.39
N SER A 44 0.43 -14.81 -4.81
CA SER A 44 -0.28 -15.86 -5.53
C SER A 44 0.39 -17.18 -5.20
N PRO A 45 -0.39 -18.17 -4.71
CA PRO A 45 0.21 -19.41 -4.22
C PRO A 45 0.77 -20.28 -5.35
N ALA A 46 1.73 -21.13 -5.00
CA ALA A 46 2.19 -22.19 -5.90
C ALA A 46 1.14 -23.32 -5.86
N PRO A 47 0.95 -24.04 -6.99
CA PRO A 47 -0.03 -25.14 -7.03
C PRO A 47 0.28 -26.33 -6.13
N SER A 48 1.54 -26.44 -5.69
CA SER A 48 1.96 -27.58 -4.91
C SER A 48 2.80 -27.19 -3.70
N VAL A 49 3.00 -28.15 -2.79
CA VAL A 49 3.78 -27.97 -1.59
C VAL A 49 4.87 -29.06 -1.54
N LEU A 50 6.09 -28.67 -1.18
CA LEU A 50 7.18 -29.64 -1.03
C LEU A 50 7.22 -30.20 0.39
N ASN A 51 7.04 -31.52 0.51
CA ASN A 51 7.20 -32.19 1.80
C ASN A 51 8.67 -32.42 2.10
N THR A 52 9.08 -32.05 3.31
CA THR A 52 10.44 -32.26 3.76
C THR A 52 10.47 -32.39 5.29
N THR A 53 11.56 -32.93 5.82
CA THR A 53 11.67 -33.08 7.27
C THR A 53 12.65 -32.06 7.83
N ALA A 54 12.42 -31.67 9.08
CA ALA A 54 13.36 -30.81 9.80
C ALA A 54 14.70 -31.55 9.89
N GLY A 55 15.78 -30.87 9.53
CA GLY A 55 17.10 -31.48 9.52
C GLY A 55 17.54 -31.95 8.13
N SER A 56 16.61 -31.96 7.18
CA SER A 56 16.94 -32.35 5.81
C SER A 56 17.44 -31.15 5.00
N THR A 57 17.89 -31.42 3.78
CA THR A 57 18.36 -30.39 2.86
C THR A 57 17.35 -30.21 1.73
N VAL A 58 16.96 -28.96 1.46
CA VAL A 58 16.16 -28.66 0.29
C VAL A 58 17.09 -28.06 -0.78
N THR A 59 16.97 -28.54 -2.01
CA THR A 59 17.74 -27.97 -3.11
C THR A 59 16.94 -26.85 -3.76
N TYR A 60 17.49 -25.64 -3.75
CA TYR A 60 16.86 -24.52 -4.45
C TYR A 60 17.66 -24.26 -5.73
N TRP A 61 16.94 -24.18 -6.84
CA TRP A 61 17.58 -24.04 -8.15
C TRP A 61 17.48 -22.62 -8.66
N ALA A 62 18.59 -22.12 -9.20
CA ALA A 62 18.60 -20.86 -9.93
C ALA A 62 18.72 -21.15 -11.42
N ASN A 63 18.15 -20.29 -12.25
CA ASN A 63 18.15 -20.48 -13.70
C ASN A 63 18.47 -19.20 -14.48
N PRO A 64 19.52 -19.25 -15.32
CA PRO A 64 20.34 -20.43 -15.68
C PRO A 64 21.31 -20.89 -14.60
N ASP A 65 21.83 -19.92 -13.85
CA ASP A 65 22.79 -20.09 -12.75
C ASP A 65 23.04 -18.70 -12.17
N VAL A 66 23.71 -18.63 -11.02
CA VAL A 66 24.01 -17.35 -10.39
C VAL A 66 25.35 -16.84 -10.94
N TYR A 67 25.34 -15.67 -11.60
CA TYR A 67 26.57 -15.16 -12.23
C TYR A 67 27.02 -13.74 -11.85
N HIS A 68 26.17 -12.98 -11.14
CA HIS A 68 26.60 -11.69 -10.61
C HIS A 68 27.25 -11.91 -9.25
N PRO A 69 28.32 -11.13 -8.94
CA PRO A 69 28.96 -11.27 -7.63
C PRO A 69 28.02 -10.80 -6.54
N GLY A 70 27.98 -11.54 -5.43
CA GLY A 70 27.16 -11.16 -4.28
C GLY A 70 26.68 -12.37 -3.51
N PRO A 71 26.12 -12.14 -2.30
CA PRO A 71 25.74 -13.23 -1.41
C PRO A 71 24.42 -13.91 -1.78
N VAL A 72 24.32 -15.19 -1.44
CA VAL A 72 23.08 -15.96 -1.45
C VAL A 72 22.64 -16.12 0.01
N GLN A 73 21.37 -15.85 0.27
CA GLN A 73 20.80 -16.03 1.61
C GLN A 73 19.44 -16.71 1.51
N PHE A 74 19.09 -17.52 2.51
CA PHE A 74 17.77 -18.15 2.58
C PHE A 74 17.10 -17.82 3.91
N TYR A 75 15.80 -17.52 3.86
CA TYR A 75 15.01 -17.27 5.06
C TYR A 75 13.78 -18.19 5.07
N MET A 76 13.21 -18.39 6.24
CA MET A 76 11.96 -19.14 6.39
C MET A 76 10.97 -18.38 7.26
N ALA A 77 9.68 -18.69 7.08
CA ALA A 77 8.60 -18.15 7.91
C ALA A 77 7.52 -19.21 8.09
N ARG A 78 7.08 -19.39 9.34
CA ARG A 78 6.12 -20.43 9.68
C ARG A 78 4.66 -19.98 9.57
N VAL A 79 3.88 -20.71 8.78
CA VAL A 79 2.43 -20.53 8.69
C VAL A 79 1.81 -20.95 10.04
N PRO A 80 0.97 -20.10 10.64
CA PRO A 80 0.30 -20.51 11.89
C PRO A 80 -0.61 -21.73 11.69
N ASP A 81 -0.75 -22.53 12.74
CA ASP A 81 -1.56 -23.76 12.70
C ASP A 81 -2.95 -23.56 12.09
N GLY A 82 -3.58 -22.43 12.41
CA GLY A 82 -4.92 -22.12 11.92
C GLY A 82 -4.94 -21.37 10.59
N GLU A 83 -3.92 -21.61 9.77
CA GLU A 83 -3.79 -20.93 8.49
C GLU A 83 -3.47 -21.88 7.34
N ASP A 84 -3.84 -21.47 6.12
CA ASP A 84 -3.59 -22.23 4.91
C ASP A 84 -2.37 -21.65 4.21
N ILE A 85 -1.40 -22.51 3.90
CA ILE A 85 -0.18 -22.12 3.16
C ILE A 85 -0.50 -21.35 1.86
N ASN A 86 -1.58 -21.74 1.18
CA ASN A 86 -1.96 -21.10 -0.09
C ASN A 86 -2.44 -19.65 0.04
N SER A 87 -2.89 -19.25 1.22
CA SER A 87 -3.37 -17.88 1.41
C SER A 87 -2.54 -17.06 2.40
N TRP A 88 -1.51 -17.67 2.97
CA TRP A 88 -0.64 -17.00 3.96
C TRP A 88 0.62 -16.46 3.28
N ASN A 89 0.91 -15.18 3.50
CA ASN A 89 1.92 -14.49 2.70
C ASN A 89 3.17 -14.02 3.44
N GLY A 90 3.24 -14.28 4.75
CA GLY A 90 4.42 -13.88 5.52
C GLY A 90 4.49 -12.39 5.84
N ASP A 91 3.35 -11.80 6.20
CA ASP A 91 3.29 -10.40 6.63
C ASP A 91 3.95 -10.27 8.01
N GLY A 92 4.43 -9.08 8.34
CA GLY A 92 4.98 -8.81 9.67
C GLY A 92 6.34 -9.43 9.93
N ALA A 93 6.82 -9.30 11.16
CA ALA A 93 8.16 -9.77 11.52
C ALA A 93 8.15 -11.27 11.80
N VAL A 94 8.13 -12.07 10.73
CA VAL A 94 8.00 -13.52 10.86
C VAL A 94 9.15 -14.30 10.20
N TRP A 95 10.09 -13.58 9.59
CA TRP A 95 11.15 -14.24 8.82
C TRP A 95 12.44 -14.43 9.64
N PHE A 96 12.99 -15.64 9.59
CA PHE A 96 14.32 -15.89 10.18
C PHE A 96 15.29 -16.42 9.12
N LYS A 97 16.55 -16.02 9.23
CA LYS A 97 17.59 -16.44 8.28
C LYS A 97 18.11 -17.83 8.61
N VAL A 98 18.15 -18.71 7.60
CA VAL A 98 18.66 -20.08 7.80
C VAL A 98 19.98 -20.37 7.09
N TYR A 99 20.39 -19.48 6.18
CA TYR A 99 21.62 -19.66 5.41
C TYR A 99 22.11 -18.32 4.88
N GLU A 100 23.43 -18.14 4.88
CA GLU A 100 24.07 -17.04 4.14
C GLU A 100 25.46 -17.49 3.73
N ASP A 101 25.97 -17.00 2.63
CA ASP A 101 27.35 -17.30 2.31
C ASP A 101 28.21 -16.05 2.50
N HIS A 102 29.52 -16.24 2.44
CA HIS A 102 30.47 -15.15 2.63
C HIS A 102 31.50 -15.21 1.52
N PRO A 103 31.98 -14.04 1.07
CA PRO A 103 33.01 -14.00 0.04
C PRO A 103 34.39 -14.38 0.62
N THR A 104 35.32 -14.76 -0.24
CA THR A 104 36.73 -14.86 0.13
C THR A 104 37.44 -13.57 -0.29
N PHE A 105 38.41 -13.14 0.52
CA PHE A 105 39.04 -11.84 0.34
C PHE A 105 40.44 -11.94 -0.25
N GLY A 106 40.72 -11.06 -1.20
CA GLY A 106 42.03 -10.99 -1.86
C GLY A 106 42.05 -9.77 -2.76
N ALA A 107 42.84 -9.83 -3.82
CA ALA A 107 42.92 -8.74 -4.79
C ALA A 107 41.54 -8.44 -5.38
N GLN A 108 40.73 -9.48 -5.51
CA GLN A 108 39.32 -9.33 -5.88
C GLN A 108 38.51 -10.25 -4.97
N LEU A 109 37.24 -9.94 -4.74
CA LEU A 109 36.39 -10.82 -3.95
C LEU A 109 35.93 -12.01 -4.80
N THR A 110 35.97 -13.20 -4.22
CA THR A 110 35.39 -14.37 -4.88
C THR A 110 34.16 -14.82 -4.08
N TRP A 111 33.13 -15.28 -4.78
CA TRP A 111 31.85 -15.61 -4.17
C TRP A 111 31.55 -17.11 -4.34
N PRO A 112 31.10 -17.78 -3.26
CA PRO A 112 30.89 -19.22 -3.31
C PRO A 112 29.61 -19.64 -4.04
N SER A 113 28.95 -18.70 -4.70
CA SER A 113 27.76 -18.98 -5.51
C SER A 113 27.98 -18.97 -7.04
N THR A 114 29.00 -18.25 -7.50
CA THR A 114 29.22 -17.93 -8.92
C THR A 114 29.30 -19.19 -9.80
N GLY A 115 28.46 -19.24 -10.83
CA GLY A 115 28.45 -20.36 -11.77
C GLY A 115 27.61 -21.56 -11.33
N LYS A 116 27.01 -21.49 -10.14
CA LYS A 116 26.20 -22.57 -9.63
C LYS A 116 24.70 -22.40 -9.93
N SER A 117 24.02 -23.52 -10.16
CA SER A 117 22.56 -23.53 -10.34
C SER A 117 21.87 -24.18 -9.14
N SER A 118 22.57 -25.11 -8.49
CA SER A 118 22.03 -25.91 -7.40
C SER A 118 22.55 -25.44 -6.03
N PHE A 119 21.62 -25.14 -5.12
CA PHE A 119 21.96 -24.63 -3.79
C PHE A 119 21.36 -25.46 -2.66
N ALA A 120 22.23 -25.91 -1.76
CA ALA A 120 21.85 -26.72 -0.60
C ALA A 120 21.35 -25.86 0.56
N VAL A 121 20.07 -26.01 0.91
CA VAL A 121 19.46 -25.24 2.01
C VAL A 121 19.21 -26.14 3.20
N PRO A 122 19.93 -25.91 4.30
CA PRO A 122 19.74 -26.72 5.50
C PRO A 122 18.45 -26.30 6.22
N ILE A 123 17.52 -27.24 6.36
CA ILE A 123 16.33 -26.99 7.17
C ILE A 123 16.72 -27.31 8.62
N PRO A 124 16.67 -26.30 9.51
CA PRO A 124 17.12 -26.54 10.89
C PRO A 124 16.32 -27.68 11.54
N PRO A 125 17.01 -28.56 12.29
CA PRO A 125 16.35 -29.71 12.91
C PRO A 125 15.41 -29.34 14.09
N CYS A 126 15.68 -28.22 14.74
CA CYS A 126 15.01 -27.88 16.00
C CYS A 126 13.75 -27.02 15.88
N ILE A 127 13.47 -26.50 14.68
CA ILE A 127 12.28 -25.66 14.47
C ILE A 127 11.00 -26.49 14.48
N LYS A 128 9.89 -25.83 14.84
CA LYS A 128 8.58 -26.48 14.96
C LYS A 128 8.10 -27.05 13.63
N SER A 129 7.52 -28.25 13.68
CA SER A 129 6.85 -28.82 12.52
C SER A 129 5.74 -27.88 12.05
N GLY A 130 5.47 -27.90 10.75
CA GLY A 130 4.41 -27.09 10.18
C GLY A 130 4.70 -26.68 8.77
N TYR A 131 3.83 -25.84 8.21
CA TYR A 131 4.02 -25.29 6.88
C TYR A 131 4.88 -24.03 6.93
N TYR A 132 5.75 -23.88 5.93
CA TYR A 132 6.68 -22.76 5.86
C TYR A 132 6.78 -22.18 4.46
N LEU A 133 7.09 -20.89 4.38
CA LEU A 133 7.60 -20.30 3.16
C LEU A 133 9.12 -20.26 3.27
N LEU A 134 9.79 -20.62 2.18
CA LEU A 134 11.24 -20.59 2.10
C LEU A 134 11.65 -19.56 1.04
N ARG A 135 12.26 -18.48 1.49
CA ARG A 135 12.64 -17.37 0.62
C ARG A 135 14.08 -17.54 0.12
N ALA A 136 14.24 -17.54 -1.21
CA ALA A 136 15.56 -17.58 -1.86
C ALA A 136 15.94 -16.18 -2.26
N GLU A 137 17.20 -15.82 -2.03
CA GLU A 137 17.70 -14.52 -2.39
C GLU A 137 19.15 -14.59 -2.89
N GLN A 138 19.44 -13.88 -3.98
CA GLN A 138 20.83 -13.55 -4.31
C GLN A 138 20.87 -12.05 -4.58
N ILE A 139 21.91 -11.39 -4.06
CA ILE A 139 22.06 -9.94 -4.20
C ILE A 139 23.24 -9.63 -5.12
N GLY A 140 22.93 -9.25 -6.35
CA GLY A 140 23.95 -8.84 -7.33
C GLY A 140 24.51 -7.49 -6.95
N LEU A 141 25.82 -7.44 -6.73
CA LEU A 141 26.50 -6.21 -6.24
C LEU A 141 27.40 -5.50 -7.27
N HIS A 142 27.31 -5.93 -8.53
CA HIS A 142 28.18 -5.43 -9.61
C HIS A 142 27.97 -3.96 -9.97
N VAL A 143 26.79 -3.40 -9.66
CA VAL A 143 26.55 -1.96 -9.80
C VAL A 143 25.96 -1.36 -8.51
N ALA A 144 26.34 -1.91 -7.37
CA ALA A 144 25.73 -1.55 -6.08
C ALA A 144 26.40 -0.37 -5.36
N GLN A 145 27.35 0.30 -6.02
CA GLN A 145 28.05 1.43 -5.39
C GLN A 145 27.16 2.68 -5.25
N SER A 146 26.02 2.67 -5.91
CA SER A 146 25.07 3.78 -5.81
C SER A 146 23.79 3.30 -5.13
N VAL A 147 23.07 4.23 -4.50
CA VAL A 147 21.82 3.93 -3.80
C VAL A 147 20.82 3.30 -4.77
N GLY A 148 20.23 2.19 -4.37
CA GLY A 148 19.27 1.48 -5.22
C GLY A 148 19.91 0.64 -6.32
N GLY A 149 21.24 0.54 -6.29
CA GLY A 149 22.00 -0.18 -7.31
C GLY A 149 22.04 -1.70 -7.17
N ALA A 150 21.92 -2.21 -5.93
CA ALA A 150 21.90 -3.66 -5.68
C ALA A 150 20.73 -4.33 -6.42
N GLN A 151 20.96 -5.54 -6.94
CA GLN A 151 19.92 -6.27 -7.69
C GLN A 151 19.53 -7.55 -6.94
N PHE A 152 18.29 -7.59 -6.47
CA PHE A 152 17.78 -8.75 -5.72
C PHE A 152 17.07 -9.76 -6.62
N TYR A 153 17.56 -10.99 -6.62
CA TYR A 153 16.95 -12.10 -7.35
C TYR A 153 16.34 -13.03 -6.31
N ILE A 154 15.01 -13.15 -6.35
CA ILE A 154 14.20 -13.70 -5.24
C ILE A 154 13.11 -14.64 -5.72
N SER A 155 12.78 -15.64 -4.90
CA SER A 155 11.49 -16.34 -4.98
C SER A 155 11.14 -16.99 -3.63
N CYS A 156 9.93 -17.51 -3.49
CA CYS A 156 9.55 -18.22 -2.27
C CYS A 156 8.89 -19.56 -2.57
N ALA A 157 9.36 -20.59 -1.86
CA ALA A 157 8.84 -21.95 -2.04
C ALA A 157 7.90 -22.29 -0.89
N GLN A 158 6.95 -23.20 -1.16
CA GLN A 158 5.98 -23.66 -0.15
C GLN A 158 6.40 -25.03 0.38
N LEU A 159 6.61 -25.12 1.68
CA LEU A 159 7.11 -26.32 2.36
C LEU A 159 6.13 -26.84 3.41
N SER A 160 6.12 -28.17 3.56
CA SER A 160 5.53 -28.81 4.72
C SER A 160 6.65 -29.54 5.48
N VAL A 161 6.99 -29.02 6.65
CA VAL A 161 8.08 -29.53 7.47
C VAL A 161 7.54 -30.43 8.59
N THR A 162 8.05 -31.65 8.65
CA THR A 162 7.66 -32.61 9.69
C THR A 162 8.87 -33.01 10.54
N GLY A 163 8.60 -33.61 11.69
CA GLY A 163 9.65 -34.11 12.58
C GLY A 163 10.51 -33.03 13.21
N GLY A 164 9.90 -31.90 13.51
CA GLY A 164 10.61 -30.75 14.06
C GLY A 164 10.78 -30.80 15.58
N GLY A 165 11.31 -29.71 16.12
CA GLY A 165 11.47 -29.56 17.57
C GLY A 165 10.53 -28.52 18.12
N SER A 166 11.04 -27.68 19.02
CA SER A 166 10.21 -26.69 19.67
C SER A 166 10.92 -25.34 19.83
N THR A 167 12.04 -25.18 19.14
CA THR A 167 12.83 -23.95 19.24
C THR A 167 12.27 -22.87 18.33
N GLU A 168 11.96 -21.72 18.93
CA GLU A 168 11.45 -20.57 18.19
C GLU A 168 12.59 -19.60 17.87
N PRO A 169 12.88 -19.38 16.57
CA PRO A 169 13.93 -18.44 16.22
C PRO A 169 13.64 -17.03 16.74
N PRO A 170 14.61 -16.42 17.45
CA PRO A 170 14.45 -15.07 18.00
C PRO A 170 14.70 -13.98 16.97
N ASN A 171 14.30 -12.75 17.30
CA ASN A 171 14.54 -11.56 16.45
C ASN A 171 14.12 -11.70 14.98
N LYS A 172 12.96 -12.29 14.73
CA LYS A 172 12.42 -12.41 13.38
C LYS A 172 12.23 -11.03 12.73
N VAL A 173 12.33 -10.97 11.40
CA VAL A 173 12.28 -9.69 10.65
C VAL A 173 11.17 -9.67 9.60
N ALA A 174 10.84 -8.48 9.11
CA ALA A 174 9.82 -8.30 8.07
C ALA A 174 10.45 -7.97 6.70
N PHE A 175 9.76 -8.35 5.64
CA PHE A 175 10.14 -7.94 4.27
C PHE A 175 8.91 -7.35 3.58
N PRO A 176 8.93 -6.03 3.27
CA PRO A 176 10.00 -5.07 3.56
C PRO A 176 10.14 -4.79 5.06
N GLY A 177 11.29 -4.24 5.44
CA GLY A 177 11.55 -3.88 6.83
C GLY A 177 12.96 -4.21 7.24
N ALA A 178 13.42 -5.40 6.85
CA ALA A 178 14.72 -5.92 7.30
C ALA A 178 15.92 -5.17 6.72
N TYR A 179 15.77 -4.66 5.51
CA TYR A 179 16.88 -4.04 4.77
C TYR A 179 16.70 -2.54 4.60
N SER A 180 17.81 -1.82 4.67
CA SER A 180 17.82 -0.42 4.29
C SER A 180 18.76 -0.24 3.09
N ALA A 181 18.42 0.73 2.23
CA ALA A 181 19.23 1.02 1.03
C ALA A 181 20.67 1.42 1.32
N THR A 182 20.96 1.80 2.57
CA THR A 182 22.34 2.20 2.94
C THR A 182 23.07 1.14 3.76
N ASP A 183 22.46 -0.04 3.93
CA ASP A 183 23.12 -1.16 4.60
C ASP A 183 24.49 -1.42 3.95
N PRO A 184 25.52 -1.68 4.77
CA PRO A 184 26.90 -1.82 4.28
C PRO A 184 27.12 -2.98 3.31
N GLY A 185 26.23 -3.98 3.35
CA GLY A 185 26.28 -5.10 2.40
C GLY A 185 25.43 -4.92 1.16
N ILE A 186 24.73 -3.78 1.08
CA ILE A 186 23.80 -3.50 -0.01
C ILE A 186 24.30 -2.31 -0.85
N LEU A 187 24.71 -1.24 -0.16
CA LEU A 187 25.34 -0.07 -0.78
C LEU A 187 26.84 -0.20 -0.56
N ILE A 188 27.54 -0.59 -1.62
CA ILE A 188 28.91 -1.11 -1.50
C ILE A 188 29.60 -1.09 -2.86
N ASN A 189 30.87 -0.69 -2.85
CA ASN A 189 31.75 -0.86 -4.01
C ASN A 189 32.65 -2.08 -3.79
N ILE A 190 32.36 -3.15 -4.53
CA ILE A 190 33.10 -4.41 -4.39
C ILE A 190 34.45 -4.39 -5.12
N TYR A 191 34.67 -3.36 -5.94
CA TYR A 191 35.82 -3.31 -6.85
C TYR A 191 36.97 -2.44 -6.34
N TYR A 192 36.63 -1.35 -5.65
CA TYR A 192 37.64 -0.39 -5.17
C TYR A 192 37.11 0.50 -4.06
N PRO A 193 37.81 0.57 -2.92
CA PRO A 193 38.89 -0.32 -2.49
C PRO A 193 38.25 -1.70 -2.33
N VAL A 194 38.91 -2.76 -2.77
CA VAL A 194 38.36 -4.10 -2.58
C VAL A 194 38.13 -4.33 -1.07
N PRO A 195 36.88 -4.67 -0.68
CA PRO A 195 36.59 -4.95 0.74
C PRO A 195 37.46 -6.05 1.32
N THR A 196 37.75 -5.93 2.62
CA THR A 196 38.50 -6.94 3.38
C THR A 196 37.57 -7.61 4.39
N SER A 197 36.35 -7.08 4.48
CA SER A 197 35.27 -7.71 5.23
C SER A 197 33.98 -7.47 4.48
N TYR A 198 32.95 -8.26 4.77
CA TYR A 198 31.67 -8.10 4.12
C TYR A 198 30.56 -8.40 5.12
N GLN A 199 29.66 -7.45 5.27
CA GLN A 199 28.60 -7.55 6.24
C GLN A 199 27.29 -7.94 5.54
N ASN A 200 26.89 -9.20 5.65
CA ASN A 200 25.61 -9.66 5.06
C ASN A 200 24.45 -8.86 5.62
N PRO A 201 23.51 -8.43 4.75
CA PRO A 201 22.35 -7.70 5.28
C PRO A 201 21.41 -8.63 6.01
N GLY A 202 20.63 -8.05 6.92
CA GLY A 202 19.63 -8.80 7.66
C GLY A 202 20.14 -9.35 8.99
N PRO A 203 19.28 -10.15 9.65
CA PRO A 203 19.61 -10.72 10.96
C PRO A 203 20.66 -11.85 10.87
N ALA A 204 21.18 -12.27 12.03
CA ALA A 204 22.10 -13.39 12.09
C ALA A 204 21.43 -14.69 11.65
N VAL A 205 22.20 -15.60 11.06
CA VAL A 205 21.72 -16.94 10.72
C VAL A 205 21.25 -17.62 12.00
N PHE A 206 20.04 -18.16 11.95
CA PHE A 206 19.54 -18.97 13.05
C PHE A 206 20.23 -20.34 13.03
N SER A 207 20.66 -20.79 14.21
CA SER A 207 21.20 -22.13 14.37
C SER A 207 20.65 -22.79 15.62
N CYS A 208 20.51 -24.10 15.56
CA CYS A 208 20.03 -24.91 16.67
C CYS A 208 21.13 -25.15 17.69
N HIS B 1 -11.90 5.62 -23.32
CA HIS B 1 -12.74 5.09 -24.44
C HIS B 1 -12.23 5.59 -25.78
N TYR B 2 -11.54 4.69 -26.48
CA TYR B 2 -10.99 4.99 -27.80
C TYR B 2 -10.84 3.69 -28.58
N THR B 3 -10.97 3.81 -29.90
CA THR B 3 -10.72 2.72 -30.82
C THR B 3 -9.30 2.84 -31.40
N TRP B 4 -8.86 1.76 -32.04
CA TRP B 4 -7.66 1.81 -32.85
C TRP B 4 -8.09 1.48 -34.29
N PRO B 5 -8.72 2.47 -34.99
CA PRO B 5 -9.45 2.17 -36.22
C PRO B 5 -8.66 2.09 -37.54
N ARG B 6 -7.45 2.65 -37.58
CA ARG B 6 -6.75 2.79 -38.86
C ARG B 6 -5.23 2.75 -38.79
N VAL B 7 -4.64 2.35 -39.91
CA VAL B 7 -3.19 2.36 -40.08
C VAL B 7 -2.80 3.24 -41.26
N ASN B 8 -1.62 3.85 -41.17
CA ASN B 8 -1.12 4.79 -42.19
C ASN B 8 -2.21 5.75 -42.70
N ASP B 9 -2.43 5.76 -44.02
CA ASP B 9 -3.41 6.66 -44.63
C ASP B 9 -4.76 6.01 -44.93
N GLY B 10 -5.00 4.82 -44.39
CA GLY B 10 -6.23 4.09 -44.63
C GLY B 10 -7.43 4.62 -43.87
N ALA B 11 -8.62 4.24 -44.32
CA ALA B 11 -9.86 4.65 -43.64
C ALA B 11 -10.15 3.74 -42.43
N ASP B 12 -11.15 4.12 -41.64
CA ASP B 12 -11.58 3.30 -40.48
C ASP B 12 -11.88 1.87 -40.91
N TRP B 13 -11.22 0.92 -40.25
CA TRP B 13 -11.44 -0.52 -40.46
C TRP B 13 -11.23 -1.01 -41.91
N GLN B 14 -10.34 -0.32 -42.65
CA GLN B 14 -10.03 -0.70 -44.02
C GLN B 14 -8.96 -1.81 -44.06
N GLN B 15 -7.82 -1.56 -43.43
CA GLN B 15 -6.78 -2.57 -43.25
C GLN B 15 -6.79 -3.09 -41.80
N VAL B 16 -7.72 -2.59 -40.99
CA VAL B 16 -7.84 -2.99 -39.59
C VAL B 16 -9.13 -3.76 -39.41
N ARG B 17 -9.02 -4.99 -38.90
CA ARG B 17 -10.20 -5.78 -38.58
C ARG B 17 -11.10 -4.99 -37.65
N LYS B 18 -12.40 -4.92 -37.99
CA LYS B 18 -13.35 -4.09 -37.25
C LYS B 18 -13.55 -4.60 -35.83
N ALA B 19 -13.09 -3.81 -34.86
CA ALA B 19 -13.15 -4.19 -33.46
C ALA B 19 -14.59 -4.13 -32.95
N ASP B 20 -14.90 -4.95 -31.97
CA ASP B 20 -16.24 -5.02 -31.39
C ASP B 20 -16.67 -3.70 -30.74
N ASN B 21 -15.69 -2.85 -30.42
CA ASN B 21 -15.98 -1.54 -29.84
C ASN B 21 -16.05 -0.40 -30.86
N TRP B 22 -16.12 -0.74 -32.15
CA TRP B 22 -16.13 0.25 -33.23
C TRP B 22 -17.18 1.36 -33.01
N GLN B 23 -18.26 1.01 -32.31
CA GLN B 23 -19.34 1.95 -31.97
C GLN B 23 -19.40 2.44 -30.52
N ASP B 24 -19.18 1.55 -29.56
CA ASP B 24 -19.30 1.94 -28.15
C ASP B 24 -17.99 2.47 -27.53
N ASN B 25 -16.87 2.25 -28.23
CA ASN B 25 -15.53 2.69 -27.78
C ASN B 25 -15.11 2.05 -26.46
N GLY B 26 -15.80 0.98 -26.11
CA GLY B 26 -15.56 0.22 -24.89
C GLY B 26 -14.22 -0.51 -24.88
N TYR B 27 -14.07 -1.40 -23.91
CA TYR B 27 -12.78 -2.06 -23.65
C TYR B 27 -12.92 -3.55 -23.38
N VAL B 28 -11.80 -4.27 -23.44
CA VAL B 28 -11.75 -5.65 -22.96
C VAL B 28 -11.27 -5.65 -21.50
N GLY B 29 -12.03 -6.32 -20.63
CA GLY B 29 -11.69 -6.39 -19.21
C GLY B 29 -11.20 -7.76 -18.76
N ASP B 30 -11.42 -8.77 -19.60
CA ASP B 30 -11.09 -10.15 -19.23
C ASP B 30 -9.93 -10.63 -20.07
N VAL B 31 -8.77 -10.83 -19.42
CA VAL B 31 -7.56 -11.24 -20.14
C VAL B 31 -7.62 -12.69 -20.67
N THR B 32 -8.62 -13.45 -20.22
CA THR B 32 -8.83 -14.84 -20.68
C THR B 32 -9.82 -14.92 -21.84
N SER B 33 -10.41 -13.79 -22.22
CA SER B 33 -11.43 -13.77 -23.27
C SER B 33 -10.80 -13.74 -24.67
N PRO B 34 -11.46 -14.36 -25.67
CA PRO B 34 -11.01 -14.25 -27.06
C PRO B 34 -10.80 -12.82 -27.55
N GLN B 35 -11.57 -11.88 -27.01
CA GLN B 35 -11.43 -10.46 -27.39
C GLN B 35 -10.06 -9.88 -27.05
N ILE B 36 -9.34 -10.50 -26.12
CA ILE B 36 -8.02 -9.97 -25.73
C ILE B 36 -7.02 -9.98 -26.91
N ARG B 37 -7.27 -10.82 -27.91
CA ARG B 37 -6.39 -10.89 -29.07
C ARG B 37 -6.57 -9.70 -30.02
N CYS B 38 -7.74 -9.61 -30.68
CA CYS B 38 -7.98 -8.58 -31.69
C CYS B 38 -9.31 -7.84 -31.50
N PHE B 39 -9.88 -7.96 -30.30
CA PHE B 39 -11.17 -7.34 -29.95
C PHE B 39 -12.30 -7.79 -30.88
N GLN B 40 -12.26 -9.06 -31.28
CA GLN B 40 -13.34 -9.67 -32.09
C GLN B 40 -13.79 -10.98 -31.45
N ALA B 41 -14.99 -11.00 -30.89
CA ALA B 41 -15.59 -12.26 -30.37
C ALA B 41 -15.69 -13.29 -31.48
N THR B 42 -16.00 -12.82 -32.69
CA THR B 42 -16.04 -13.63 -33.88
C THR B 42 -15.06 -13.03 -34.89
N PRO B 43 -13.97 -13.75 -35.23
CA PRO B 43 -13.00 -13.18 -36.16
C PRO B 43 -13.64 -12.80 -37.50
N SER B 44 -13.23 -11.66 -38.04
CA SER B 44 -13.74 -11.19 -39.31
C SER B 44 -12.68 -10.32 -39.98
N PRO B 45 -12.30 -10.67 -41.23
CA PRO B 45 -11.16 -10.00 -41.86
C PRO B 45 -11.44 -8.54 -42.22
N ALA B 46 -10.38 -7.75 -42.33
CA ALA B 46 -10.47 -6.42 -42.90
C ALA B 46 -10.56 -6.56 -44.44
N PRO B 47 -11.22 -5.59 -45.11
CA PRO B 47 -11.38 -5.63 -46.58
C PRO B 47 -10.08 -5.48 -47.35
N SER B 48 -9.06 -4.89 -46.73
CA SER B 48 -7.78 -4.74 -47.42
C SER B 48 -6.56 -5.02 -46.55
N VAL B 49 -5.39 -4.99 -47.20
CA VAL B 49 -4.13 -5.31 -46.57
C VAL B 49 -3.18 -4.14 -46.79
N LEU B 50 -2.45 -3.74 -45.74
CA LEU B 50 -1.44 -2.70 -45.84
C LEU B 50 -0.09 -3.28 -46.26
N ASN B 51 0.41 -2.84 -47.41
CA ASN B 51 1.75 -3.21 -47.87
C ASN B 51 2.78 -2.36 -47.17
N THR B 52 3.81 -3.01 -46.62
CA THR B 52 4.91 -2.32 -45.96
C THR B 52 6.18 -3.16 -46.07
N THR B 53 7.33 -2.56 -45.79
CA THR B 53 8.59 -3.29 -45.84
C THR B 53 9.13 -3.51 -44.44
N ALA B 54 9.86 -4.61 -44.27
CA ALA B 54 10.59 -4.85 -43.03
C ALA B 54 11.58 -3.72 -42.83
N GLY B 55 11.59 -3.14 -41.64
CA GLY B 55 12.46 -1.99 -41.32
C GLY B 55 11.75 -0.66 -41.45
N SER B 56 10.54 -0.66 -42.00
CA SER B 56 9.76 0.57 -42.13
C SER B 56 8.91 0.81 -40.87
N THR B 57 8.29 1.99 -40.80
CA THR B 57 7.39 2.35 -39.71
C THR B 57 5.93 2.32 -40.19
N VAL B 58 5.07 1.64 -39.44
CA VAL B 58 3.63 1.69 -39.67
C VAL B 58 3.04 2.63 -38.63
N THR B 59 2.16 3.53 -39.07
CA THR B 59 1.49 4.44 -38.14
C THR B 59 0.15 3.83 -37.75
N TYR B 60 -0.03 3.59 -36.44
CA TYR B 60 -1.30 3.09 -35.93
C TYR B 60 -2.03 4.25 -35.25
N TRP B 61 -3.28 4.46 -35.64
CA TRP B 61 -4.05 5.60 -35.14
C TRP B 61 -5.05 5.17 -34.07
N ALA B 62 -5.12 5.95 -33.00
CA ALA B 62 -6.17 5.83 -31.99
C ALA B 62 -7.19 6.97 -32.17
N ASN B 63 -8.45 6.71 -31.83
CA ASN B 63 -9.50 7.71 -31.97
C ASN B 63 -10.50 7.70 -30.81
N PRO B 64 -10.65 8.83 -30.08
CA PRO B 64 -9.82 10.03 -30.13
C PRO B 64 -8.46 9.76 -29.44
N ASP B 65 -7.77 10.81 -29.03
CA ASP B 65 -6.45 10.67 -28.40
C ASP B 65 -6.52 9.68 -27.22
N VAL B 66 -5.50 8.80 -27.09
CA VAL B 66 -5.31 7.95 -25.91
C VAL B 66 -5.27 8.86 -24.69
N TYR B 67 -6.20 8.67 -23.75
CA TYR B 67 -6.25 9.57 -22.60
C TYR B 67 -6.28 8.91 -21.21
N HIS B 68 -6.41 7.59 -21.12
CA HIS B 68 -6.25 6.93 -19.83
C HIS B 68 -4.78 6.60 -19.63
N PRO B 69 -4.28 6.74 -18.38
CA PRO B 69 -2.88 6.43 -18.08
C PRO B 69 -2.62 4.94 -18.26
N GLY B 70 -1.52 4.60 -18.91
CA GLY B 70 -1.14 3.20 -19.10
C GLY B 70 -0.30 3.01 -20.34
N PRO B 71 0.31 1.82 -20.49
CA PRO B 71 1.24 1.54 -21.58
C PRO B 71 0.55 1.26 -22.92
N VAL B 72 1.28 1.57 -23.99
CA VAL B 72 0.92 1.16 -25.34
C VAL B 72 1.93 0.09 -25.74
N GLN B 73 1.41 -1.01 -26.30
CA GLN B 73 2.25 -2.11 -26.78
C GLN B 73 1.75 -2.59 -28.15
N PHE B 74 2.67 -3.07 -28.99
CA PHE B 74 2.31 -3.65 -30.29
C PHE B 74 2.91 -5.04 -30.43
N TYR B 75 2.12 -5.96 -30.99
CA TYR B 75 2.59 -7.32 -31.24
C TYR B 75 2.36 -7.67 -32.71
N MET B 76 3.10 -8.68 -33.19
CA MET B 76 2.91 -9.21 -34.54
C MET B 76 2.82 -10.73 -34.53
N ALA B 77 2.16 -11.28 -35.54
CA ALA B 77 2.11 -12.72 -35.76
C ALA B 77 2.10 -12.99 -37.27
N ARG B 78 2.93 -13.94 -37.70
CA ARG B 78 3.08 -14.26 -39.12
C ARG B 78 2.12 -15.34 -39.60
N VAL B 79 1.37 -15.03 -40.67
CA VAL B 79 0.53 -16.03 -41.34
C VAL B 79 1.45 -16.99 -42.12
N PRO B 80 1.23 -18.31 -41.95
CA PRO B 80 2.06 -19.30 -42.66
C PRO B 80 1.92 -19.18 -44.18
N ASP B 81 2.98 -19.52 -44.90
CA ASP B 81 3.01 -19.43 -46.39
C ASP B 81 1.75 -19.98 -47.06
N GLY B 82 1.25 -21.12 -46.59
CA GLY B 82 0.09 -21.77 -47.22
C GLY B 82 -1.27 -21.27 -46.74
N GLU B 83 -1.28 -20.12 -46.07
CA GLU B 83 -2.48 -19.60 -45.45
C GLU B 83 -2.90 -18.24 -46.00
N ASP B 84 -4.19 -17.95 -45.91
CA ASP B 84 -4.78 -16.70 -46.35
C ASP B 84 -4.92 -15.76 -45.15
N ILE B 85 -4.40 -14.54 -45.27
CA ILE B 85 -4.52 -13.53 -44.22
C ILE B 85 -5.97 -13.27 -43.80
N ASN B 86 -6.90 -13.38 -44.76
CA ASN B 86 -8.32 -13.13 -44.48
C ASN B 86 -8.98 -14.17 -43.59
N SER B 87 -8.45 -15.39 -43.57
CA SER B 87 -9.03 -16.45 -42.74
C SER B 87 -8.13 -16.91 -41.58
N TRP B 88 -6.95 -16.32 -41.45
CA TRP B 88 -6.00 -16.69 -40.40
C TRP B 88 -6.11 -15.72 -39.22
N ASN B 89 -6.26 -16.28 -38.01
CA ASN B 89 -6.63 -15.48 -36.84
C ASN B 89 -5.60 -15.36 -35.72
N GLY B 90 -4.46 -16.03 -35.88
CA GLY B 90 -3.41 -15.96 -34.86
C GLY B 90 -3.69 -16.80 -33.62
N ASP B 91 -4.21 -18.01 -33.83
CA ASP B 91 -4.38 -18.97 -32.75
C ASP B 91 -3.02 -19.48 -32.26
N GLY B 92 -2.97 -19.98 -31.02
CA GLY B 92 -1.75 -20.55 -30.46
C GLY B 92 -0.68 -19.53 -30.12
N ALA B 93 0.49 -20.04 -29.72
CA ALA B 93 1.60 -19.17 -29.32
C ALA B 93 2.38 -18.68 -30.54
N VAL B 94 1.85 -17.64 -31.19
CA VAL B 94 2.39 -17.13 -32.43
C VAL B 94 2.74 -15.63 -32.37
N TRP B 95 2.46 -14.98 -31.24
CA TRP B 95 2.61 -13.52 -31.12
C TRP B 95 3.95 -13.13 -30.49
N PHE B 96 4.61 -12.15 -31.11
CA PHE B 96 5.82 -11.55 -30.53
C PHE B 96 5.65 -10.03 -30.38
N LYS B 97 6.23 -9.46 -29.32
CA LYS B 97 6.12 -8.03 -29.06
C LYS B 97 7.14 -7.25 -29.90
N VAL B 98 6.69 -6.19 -30.56
CA VAL B 98 7.58 -5.34 -31.36
C VAL B 98 7.76 -3.93 -30.81
N TYR B 99 6.94 -3.56 -29.81
CA TYR B 99 6.94 -2.21 -29.26
C TYR B 99 6.28 -2.18 -27.88
N GLU B 100 6.86 -1.40 -26.96
CA GLU B 100 6.22 -1.06 -25.68
C GLU B 100 6.73 0.30 -25.23
N ASP B 101 5.90 1.09 -24.55
CA ASP B 101 6.40 2.32 -23.94
C ASP B 101 6.50 2.20 -22.41
N HIS B 102 6.96 3.28 -21.76
CA HIS B 102 7.25 3.25 -20.33
C HIS B 102 6.83 4.58 -19.68
N PRO B 103 6.32 4.52 -18.44
CA PRO B 103 5.98 5.77 -17.78
C PRO B 103 7.24 6.53 -17.32
N THR B 104 7.09 7.83 -17.15
CA THR B 104 8.07 8.65 -16.44
C THR B 104 7.73 8.65 -14.94
N PHE B 105 8.77 8.57 -14.11
CA PHE B 105 8.58 8.44 -12.67
C PHE B 105 8.84 9.76 -11.95
N GLY B 106 7.84 10.19 -11.18
CA GLY B 106 7.90 11.41 -10.37
C GLY B 106 6.91 11.29 -9.23
N ALA B 107 6.38 12.43 -8.78
CA ALA B 107 5.36 12.43 -7.71
C ALA B 107 4.13 11.63 -8.15
N GLN B 108 3.89 11.64 -9.46
CA GLN B 108 2.91 10.78 -10.12
C GLN B 108 3.56 10.23 -11.41
N LEU B 109 2.89 9.27 -12.06
CA LEU B 109 3.36 8.73 -13.34
C LEU B 109 2.90 9.55 -14.53
N THR B 110 3.82 9.84 -15.45
CA THR B 110 3.48 10.45 -16.72
C THR B 110 3.64 9.39 -17.81
N TRP B 111 2.59 9.22 -18.62
CA TRP B 111 2.57 8.25 -19.72
C TRP B 111 2.68 8.95 -21.08
N PRO B 112 3.59 8.47 -21.94
CA PRO B 112 3.89 9.07 -23.25
C PRO B 112 2.72 9.12 -24.23
N SER B 113 1.78 8.18 -24.09
CA SER B 113 0.69 8.05 -25.05
C SER B 113 -0.38 9.07 -24.78
N THR B 114 -0.34 9.65 -23.58
CA THR B 114 -1.43 10.53 -23.17
C THR B 114 -1.56 11.73 -24.11
N GLY B 115 -2.75 11.89 -24.67
CA GLY B 115 -3.05 12.97 -25.60
C GLY B 115 -2.68 12.72 -27.06
N LYS B 116 -2.20 11.51 -27.36
CA LYS B 116 -1.70 11.22 -28.71
C LYS B 116 -2.70 10.37 -29.48
N SER B 117 -2.77 10.58 -30.80
CA SER B 117 -3.61 9.78 -31.67
C SER B 117 -2.76 8.94 -32.62
N SER B 118 -1.55 9.41 -32.89
CA SER B 118 -0.68 8.79 -33.90
C SER B 118 0.47 8.03 -33.25
N PHE B 119 0.63 6.76 -33.60
CA PHE B 119 1.67 5.92 -32.99
C PHE B 119 2.58 5.22 -34.01
N ALA B 120 3.88 5.40 -33.82
CA ALA B 120 4.90 4.88 -34.74
C ALA B 120 5.31 3.46 -34.37
N VAL B 121 4.94 2.50 -35.23
CA VAL B 121 5.26 1.09 -34.99
C VAL B 121 6.41 0.64 -35.89
N PRO B 122 7.57 0.32 -35.28
CA PRO B 122 8.72 -0.14 -36.05
C PRO B 122 8.53 -1.60 -36.49
N ILE B 123 8.50 -1.84 -37.80
CA ILE B 123 8.45 -3.20 -38.32
C ILE B 123 9.91 -3.69 -38.36
N PRO B 124 10.25 -4.75 -37.57
CA PRO B 124 11.64 -5.20 -37.51
C PRO B 124 12.19 -5.55 -38.89
N PRO B 125 13.42 -5.12 -39.19
CA PRO B 125 13.99 -5.37 -40.52
C PRO B 125 14.33 -6.84 -40.80
N CYS B 126 14.57 -7.62 -39.74
CA CYS B 126 15.12 -8.97 -39.86
C CYS B 126 14.09 -10.10 -39.92
N ILE B 127 12.82 -9.78 -39.67
CA ILE B 127 11.76 -10.80 -39.71
C ILE B 127 11.45 -11.26 -41.14
N LYS B 128 10.94 -12.48 -41.25
CA LYS B 128 10.63 -13.11 -42.54
C LYS B 128 9.54 -12.33 -43.29
N SER B 129 9.74 -12.14 -44.59
CA SER B 129 8.70 -11.61 -45.48
C SER B 129 7.44 -12.46 -45.38
N GLY B 130 6.28 -11.83 -45.54
CA GLY B 130 5.01 -12.54 -45.53
C GLY B 130 3.87 -11.68 -45.01
N TYR B 131 2.72 -12.31 -44.84
CA TYR B 131 1.55 -11.65 -44.28
C TYR B 131 1.58 -11.72 -42.76
N TYR B 132 1.16 -10.63 -42.13
CA TYR B 132 1.17 -10.52 -40.67
C TYR B 132 -0.11 -9.89 -40.14
N LEU B 133 -0.47 -10.27 -38.92
CA LEU B 133 -1.42 -9.51 -38.12
C LEU B 133 -0.59 -8.59 -37.22
N LEU B 134 -1.03 -7.34 -37.08
CA LEU B 134 -0.37 -6.38 -36.19
C LEU B 134 -1.37 -5.95 -35.11
N ARG B 135 -1.10 -6.36 -33.87
CA ARG B 135 -2.01 -6.11 -32.75
C ARG B 135 -1.64 -4.80 -32.06
N ALA B 136 -2.60 -3.89 -31.96
CA ALA B 136 -2.47 -2.64 -31.19
C ALA B 136 -3.13 -2.81 -29.83
N GLU B 137 -2.50 -2.24 -28.80
CA GLU B 137 -3.00 -2.34 -27.44
C GLU B 137 -2.63 -1.11 -26.63
N GLN B 138 -3.60 -0.59 -25.88
CA GLN B 138 -3.32 0.34 -24.79
C GLN B 138 -4.04 -0.20 -23.56
N ILE B 139 -3.35 -0.18 -22.42
CA ILE B 139 -3.91 -0.70 -21.17
C ILE B 139 -4.18 0.45 -20.20
N GLY B 140 -5.46 0.81 -20.04
CA GLY B 140 -5.86 1.88 -19.12
C GLY B 140 -5.78 1.35 -17.70
N LEU B 141 -4.97 2.01 -16.87
CA LEU B 141 -4.68 1.54 -15.52
C LEU B 141 -5.32 2.39 -14.40
N HIS B 142 -6.22 3.29 -14.78
CA HIS B 142 -6.82 4.27 -13.87
C HIS B 142 -7.72 3.65 -12.80
N VAL B 143 -8.25 2.46 -13.06
CA VAL B 143 -8.99 1.71 -12.04
C VAL B 143 -8.46 0.27 -11.89
N ALA B 144 -7.17 0.09 -12.12
CA ALA B 144 -6.57 -1.24 -12.19
C ALA B 144 -6.10 -1.81 -10.85
N GLN B 145 -6.41 -1.14 -9.75
CA GLN B 145 -5.95 -1.59 -8.43
C GLN B 145 -6.71 -2.83 -7.94
N SER B 146 -7.81 -3.16 -8.61
CA SER B 146 -8.58 -4.37 -8.31
C SER B 146 -8.51 -5.36 -9.47
N VAL B 147 -8.66 -6.64 -9.14
CA VAL B 147 -8.65 -7.72 -10.13
C VAL B 147 -9.70 -7.47 -11.21
N GLY B 148 -9.29 -7.55 -12.47
CA GLY B 148 -10.19 -7.31 -13.61
C GLY B 148 -10.44 -5.84 -13.91
N GLY B 149 -9.71 -4.96 -13.22
CA GLY B 149 -9.89 -3.51 -13.36
C GLY B 149 -9.22 -2.85 -14.55
N ALA B 150 -8.11 -3.42 -15.01
CA ALA B 150 -7.41 -2.90 -16.19
C ALA B 150 -8.33 -2.89 -17.43
N GLN B 151 -8.20 -1.86 -18.25
CA GLN B 151 -9.03 -1.70 -19.45
C GLN B 151 -8.18 -1.80 -20.71
N PHE B 152 -8.42 -2.83 -21.52
CA PHE B 152 -7.65 -3.05 -22.72
C PHE B 152 -8.37 -2.50 -23.96
N TYR B 153 -7.67 -1.62 -24.67
CA TYR B 153 -8.16 -1.04 -25.93
C TYR B 153 -7.30 -1.59 -27.05
N ILE B 154 -7.93 -2.32 -27.97
CA ILE B 154 -7.23 -3.24 -28.88
C ILE B 154 -7.83 -3.22 -30.29
N SER B 155 -6.97 -3.43 -31.29
CA SER B 155 -7.42 -3.90 -32.61
C SER B 155 -6.26 -4.62 -33.32
N CYS B 156 -6.55 -5.23 -34.48
CA CYS B 156 -5.51 -5.86 -35.30
C CYS B 156 -5.58 -5.45 -36.76
N ALA B 157 -4.42 -5.11 -37.31
CA ALA B 157 -4.32 -4.72 -38.71
C ALA B 157 -3.73 -5.87 -39.54
N GLN B 158 -4.07 -5.87 -40.82
CA GLN B 158 -3.60 -6.89 -41.76
C GLN B 158 -2.50 -6.30 -42.63
N LEU B 159 -1.33 -6.93 -42.57
CA LEU B 159 -0.14 -6.46 -43.26
C LEU B 159 0.40 -7.46 -44.27
N SER B 160 1.04 -6.91 -45.32
CA SER B 160 1.86 -7.70 -46.20
C SER B 160 3.27 -7.10 -46.11
N VAL B 161 4.18 -7.86 -45.53
CA VAL B 161 5.54 -7.40 -45.27
C VAL B 161 6.50 -8.00 -46.30
N THR B 162 7.23 -7.13 -47.00
CA THR B 162 8.20 -7.57 -48.00
C THR B 162 9.60 -7.11 -47.62
N GLY B 163 10.61 -7.70 -48.27
CA GLY B 163 12.00 -7.32 -48.05
C GLY B 163 12.52 -7.66 -46.67
N GLY B 164 12.08 -8.80 -46.14
CA GLY B 164 12.46 -9.22 -44.79
C GLY B 164 13.76 -10.00 -44.73
N GLY B 165 14.05 -10.54 -43.55
CA GLY B 165 15.23 -11.38 -43.33
C GLY B 165 14.81 -12.80 -43.05
N SER B 166 15.48 -13.43 -42.09
CA SER B 166 15.21 -14.83 -41.78
C SER B 166 15.20 -15.11 -40.28
N THR B 167 15.15 -14.06 -39.47
CA THR B 167 15.20 -14.21 -38.02
C THR B 167 13.80 -14.52 -37.48
N GLU B 168 13.69 -15.63 -36.76
CA GLU B 168 12.42 -16.04 -36.14
C GLU B 168 12.40 -15.61 -34.68
N PRO B 169 11.44 -14.73 -34.31
CA PRO B 169 11.37 -14.28 -32.91
C PRO B 169 11.14 -15.44 -31.96
N PRO B 170 11.97 -15.55 -30.89
CA PRO B 170 11.85 -16.63 -29.92
C PRO B 170 10.76 -16.37 -28.87
N ASN B 171 10.39 -17.44 -28.15
CA ASN B 171 9.43 -17.37 -27.03
C ASN B 171 8.11 -16.65 -27.35
N LYS B 172 7.52 -16.98 -28.50
CA LYS B 172 6.22 -16.40 -28.87
C LYS B 172 5.10 -16.75 -27.90
N VAL B 173 4.08 -15.90 -27.83
CA VAL B 173 2.99 -16.05 -26.84
C VAL B 173 1.59 -16.13 -27.47
N ALA B 174 0.62 -16.58 -26.68
CA ALA B 174 -0.76 -16.71 -27.15
C ALA B 174 -1.65 -15.65 -26.52
N PHE B 175 -2.70 -15.24 -27.23
CA PHE B 175 -3.74 -14.35 -26.70
C PHE B 175 -5.13 -15.00 -26.92
N PRO B 176 -5.81 -15.42 -25.84
CA PRO B 176 -5.37 -15.38 -24.45
C PRO B 176 -4.24 -16.35 -24.15
N GLY B 177 -3.59 -16.14 -23.01
CA GLY B 177 -2.47 -16.96 -22.58
C GLY B 177 -1.34 -16.13 -21.99
N ALA B 178 -0.99 -15.05 -22.67
CA ALA B 178 0.19 -14.24 -22.35
C ALA B 178 0.07 -13.49 -21.03
N TYR B 179 -1.16 -13.12 -20.68
CA TYR B 179 -1.42 -12.26 -19.52
C TYR B 179 -2.19 -12.98 -18.42
N SER B 180 -1.83 -12.67 -17.18
CA SER B 180 -2.54 -13.08 -15.99
C SER B 180 -3.17 -11.85 -15.36
N ALA B 181 -4.36 -12.01 -14.78
CA ALA B 181 -5.03 -10.93 -14.07
C ALA B 181 -4.23 -10.37 -12.89
N THR B 182 -3.24 -11.12 -12.41
CA THR B 182 -2.42 -10.64 -11.28
C THR B 182 -1.02 -10.16 -11.69
N ASP B 183 -0.76 -10.12 -12.99
CA ASP B 183 0.50 -9.54 -13.51
C ASP B 183 0.75 -8.15 -12.87
N PRO B 184 2.01 -7.87 -12.47
CA PRO B 184 2.33 -6.62 -11.77
C PRO B 184 2.09 -5.35 -12.58
N GLY B 185 2.03 -5.46 -13.91
CA GLY B 185 1.69 -4.34 -14.78
C GLY B 185 0.22 -4.21 -15.13
N ILE B 186 -0.59 -5.15 -14.62
CA ILE B 186 -2.01 -5.22 -14.95
C ILE B 186 -2.84 -4.95 -13.69
N LEU B 187 -2.48 -5.64 -12.61
CA LEU B 187 -3.08 -5.41 -11.29
C LEU B 187 -2.14 -4.50 -10.52
N ILE B 188 -2.50 -3.22 -10.43
CA ILE B 188 -1.56 -2.19 -10.00
C ILE B 188 -2.29 -0.92 -9.56
N ASN B 189 -1.81 -0.32 -8.47
CA ASN B 189 -2.26 1.00 -8.07
C ASN B 189 -1.21 2.01 -8.51
N ILE B 190 -1.54 2.78 -9.55
CA ILE B 190 -0.59 3.75 -10.15
C ILE B 190 -0.52 5.07 -9.36
N TYR B 191 -1.41 5.21 -8.39
CA TYR B 191 -1.62 6.48 -7.67
C TYR B 191 -0.96 6.53 -6.29
N TYR B 192 -0.98 5.41 -5.59
CA TYR B 192 -0.41 5.32 -4.24
C TYR B 192 -0.11 3.88 -3.82
N PRO B 193 1.10 3.61 -3.31
CA PRO B 193 2.27 4.49 -3.44
C PRO B 193 2.61 4.59 -4.92
N VAL B 194 3.03 5.75 -5.40
CA VAL B 194 3.37 5.89 -6.82
C VAL B 194 4.52 4.94 -7.14
N PRO B 195 4.35 4.09 -8.17
CA PRO B 195 5.40 3.16 -8.56
C PRO B 195 6.70 3.88 -8.92
N THR B 196 7.82 3.22 -8.64
CA THR B 196 9.13 3.72 -9.04
C THR B 196 9.70 2.86 -10.16
N SER B 197 9.01 1.76 -10.44
CA SER B 197 9.29 0.95 -11.62
C SER B 197 7.95 0.45 -12.16
N TYR B 198 7.96 0.00 -13.41
CA TYR B 198 6.76 -0.54 -14.04
C TYR B 198 7.12 -1.72 -14.92
N GLN B 199 6.46 -2.85 -14.67
CA GLN B 199 6.72 -4.06 -15.40
C GLN B 199 5.65 -4.21 -16.49
N ASN B 200 6.04 -3.97 -17.74
CA ASN B 200 5.11 -4.17 -18.86
C ASN B 200 4.71 -5.64 -18.91
N PRO B 201 3.41 -5.91 -19.10
CA PRO B 201 2.97 -7.30 -19.22
C PRO B 201 3.42 -7.92 -20.55
N GLY B 202 3.55 -9.24 -20.56
CA GLY B 202 3.92 -9.97 -21.76
C GLY B 202 5.41 -10.19 -21.91
N PRO B 203 5.81 -10.76 -23.06
CA PRO B 203 7.22 -11.07 -23.31
C PRO B 203 8.06 -9.83 -23.61
N ALA B 204 9.38 -9.99 -23.60
CA ALA B 204 10.28 -8.88 -23.94
C ALA B 204 10.07 -8.45 -25.40
N VAL B 205 10.29 -7.17 -25.67
CA VAL B 205 10.29 -6.66 -27.04
C VAL B 205 11.32 -7.42 -27.88
N PHE B 206 10.88 -7.92 -29.03
CA PHE B 206 11.79 -8.54 -29.99
C PHE B 206 12.58 -7.47 -30.71
N SER B 207 13.89 -7.66 -30.79
CA SER B 207 14.75 -6.77 -31.57
C SER B 207 15.74 -7.57 -32.41
N CYS B 208 16.10 -7.01 -33.57
CA CYS B 208 17.03 -7.65 -34.46
C CYS B 208 18.46 -7.43 -33.98
N HIS C 1 8.75 -9.73 24.44
CA HIS C 1 8.47 -10.44 25.72
C HIS C 1 9.19 -9.78 26.90
N TYR C 2 8.41 -8.99 27.64
CA TYR C 2 8.91 -8.23 28.77
C TYR C 2 7.81 -7.97 29.78
N THR C 3 8.20 -7.86 31.03
CA THR C 3 7.30 -7.49 32.10
C THR C 3 7.47 -6.01 32.42
N TRP C 4 6.52 -5.47 33.17
CA TRP C 4 6.66 -4.15 33.78
C TRP C 4 6.65 -4.36 35.30
N PRO C 5 7.75 -4.87 35.88
CA PRO C 5 7.70 -5.39 37.27
C PRO C 5 7.91 -4.40 38.42
N ARG C 6 8.44 -3.21 38.15
CA ARG C 6 8.93 -2.32 39.21
C ARG C 6 8.70 -0.84 38.94
N VAL C 7 8.47 -0.10 40.02
CA VAL C 7 8.48 1.38 39.97
C VAL C 7 9.57 1.95 40.90
N ASN C 8 10.13 3.09 40.49
CA ASN C 8 11.23 3.74 41.21
C ASN C 8 12.29 2.75 41.70
N ASP C 9 12.56 2.74 43.01
CA ASP C 9 13.62 1.90 43.57
C ASP C 9 13.07 0.59 44.19
N GLY C 10 11.80 0.30 43.93
CA GLY C 10 11.14 -0.89 44.50
C GLY C 10 11.52 -2.20 43.83
N ALA C 11 11.24 -3.31 44.51
CA ALA C 11 11.54 -4.65 43.97
C ALA C 11 10.43 -5.14 43.05
N ASP C 12 10.69 -6.26 42.35
CA ASP C 12 9.68 -6.88 41.47
C ASP C 12 8.37 -7.09 42.22
N TRP C 13 7.30 -6.56 41.66
CA TRP C 13 5.93 -6.73 42.17
C TRP C 13 5.75 -6.27 43.63
N GLN C 14 6.53 -5.28 44.06
CA GLN C 14 6.42 -4.76 45.42
C GLN C 14 5.32 -3.69 45.52
N GLN C 15 5.45 -2.65 44.70
CA GLN C 15 4.40 -1.65 44.53
C GLN C 15 3.59 -1.88 43.25
N VAL C 16 3.97 -2.93 42.50
CA VAL C 16 3.29 -3.28 41.26
C VAL C 16 2.50 -4.58 41.46
N ARG C 17 1.21 -4.55 41.13
CA ARG C 17 0.39 -5.77 41.23
C ARG C 17 0.96 -6.86 40.31
N LYS C 18 1.11 -8.07 40.87
CA LYS C 18 1.79 -9.16 40.15
C LYS C 18 1.07 -9.55 38.86
N ALA C 19 1.67 -9.23 37.73
CA ALA C 19 1.06 -9.50 36.43
C ALA C 19 1.07 -10.99 36.13
N ASP C 20 0.09 -11.44 35.36
CA ASP C 20 -0.05 -12.87 35.03
C ASP C 20 1.14 -13.39 34.22
N ASN C 21 1.89 -12.48 33.60
CA ASN C 21 3.08 -12.86 32.82
C ASN C 21 4.40 -12.81 33.63
N TRP C 22 4.31 -12.80 34.96
CA TRP C 22 5.50 -12.62 35.80
C TRP C 22 6.56 -13.72 35.62
N GLN C 23 6.12 -14.88 35.11
CA GLN C 23 7.04 -15.95 34.74
C GLN C 23 7.35 -16.06 33.23
N ASP C 24 6.34 -15.87 32.38
CA ASP C 24 6.49 -16.13 30.93
C ASP C 24 6.80 -14.93 30.01
N ASN C 25 6.81 -13.72 30.58
CA ASN C 25 6.99 -12.47 29.82
C ASN C 25 5.99 -12.32 28.66
N GLY C 26 4.92 -13.13 28.70
CA GLY C 26 3.88 -13.15 27.65
C GLY C 26 3.10 -11.85 27.53
N TYR C 27 2.03 -11.87 26.73
CA TYR C 27 1.29 -10.65 26.42
C TYR C 27 -0.23 -10.85 26.45
N VAL C 28 -0.96 -9.73 26.50
CA VAL C 28 -2.41 -9.76 26.32
C VAL C 28 -2.69 -9.51 24.83
N GLY C 29 -3.45 -10.40 24.20
CA GLY C 29 -3.81 -10.27 22.78
C GLY C 29 -5.27 -9.90 22.53
N ASP C 30 -6.07 -9.91 23.58
CA ASP C 30 -7.52 -9.71 23.47
C ASP C 30 -7.87 -8.42 24.20
N VAL C 31 -8.23 -7.39 23.44
CA VAL C 31 -8.53 -6.08 24.03
C VAL C 31 -9.84 -6.06 24.83
N THR C 32 -10.64 -7.11 24.71
CA THR C 32 -11.92 -7.22 25.46
C THR C 32 -11.75 -8.03 26.76
N SER C 33 -10.54 -8.55 26.97
CA SER C 33 -10.23 -9.39 28.13
C SER C 33 -10.02 -8.53 29.39
N PRO C 34 -10.44 -9.04 30.58
CA PRO C 34 -10.08 -8.36 31.85
C PRO C 34 -8.58 -8.05 32.02
N GLN C 35 -7.73 -8.89 31.42
CA GLN C 35 -6.27 -8.71 31.48
C GLN C 35 -5.80 -7.42 30.83
N ILE C 36 -6.60 -6.85 29.92
CA ILE C 36 -6.21 -5.61 29.24
C ILE C 36 -6.02 -4.43 30.23
N ARG C 37 -6.61 -4.54 31.41
CA ARG C 37 -6.48 -3.49 32.42
C ARG C 37 -5.13 -3.50 33.14
N CYS C 38 -4.88 -4.54 33.94
CA CYS C 38 -3.67 -4.65 34.76
C CYS C 38 -2.96 -6.00 34.63
N PHE C 39 -3.29 -6.73 33.57
CA PHE C 39 -2.71 -8.06 33.30
C PHE C 39 -2.95 -9.03 34.47
N GLN C 40 -4.15 -8.96 35.06
CA GLN C 40 -4.54 -9.89 36.11
C GLN C 40 -5.94 -10.40 35.82
N ALA C 41 -6.04 -11.70 35.48
CA ALA C 41 -7.35 -12.35 35.31
C ALA C 41 -8.18 -12.22 36.59
N THR C 42 -7.52 -12.33 37.74
CA THR C 42 -8.14 -12.04 39.02
C THR C 42 -7.32 -11.01 39.76
N PRO C 43 -7.93 -9.86 40.07
CA PRO C 43 -7.20 -8.78 40.73
C PRO C 43 -6.61 -9.23 42.06
N SER C 44 -5.39 -8.80 42.31
CA SER C 44 -4.68 -9.11 43.54
C SER C 44 -3.74 -7.92 43.81
N PRO C 45 -3.84 -7.35 45.03
CA PRO C 45 -3.08 -6.13 45.34
C PRO C 45 -1.57 -6.36 45.44
N ALA C 46 -0.81 -5.29 45.26
CA ALA C 46 0.62 -5.30 45.55
C ALA C 46 0.79 -5.15 47.07
N PRO C 47 1.86 -5.74 47.63
CA PRO C 47 2.03 -5.64 49.10
C PRO C 47 2.39 -4.24 49.60
N SER C 48 2.80 -3.34 48.70
CA SER C 48 3.20 -1.99 49.10
C SER C 48 2.62 -0.90 48.19
N VAL C 49 2.75 0.34 48.63
CA VAL C 49 2.28 1.50 47.89
C VAL C 49 3.45 2.49 47.73
N LEU C 50 3.60 3.03 46.52
CA LEU C 50 4.62 4.05 46.26
C LEU C 50 4.12 5.46 46.56
N ASN C 51 4.77 6.12 47.51
CA ASN C 51 4.46 7.52 47.82
C ASN C 51 5.11 8.44 46.80
N THR C 52 4.32 9.35 46.25
CA THR C 52 4.84 10.34 45.31
C THR C 52 4.00 11.61 45.38
N THR C 53 4.52 12.69 44.80
CA THR C 53 3.78 13.96 44.81
C THR C 53 3.28 14.29 43.41
N ALA C 54 2.14 14.99 43.35
CA ALA C 54 1.64 15.49 42.08
C ALA C 54 2.68 16.47 41.51
N GLY C 55 3.01 16.27 40.23
CA GLY C 55 4.06 17.05 39.58
C GLY C 55 5.41 16.36 39.54
N SER C 56 5.55 15.26 40.26
CA SER C 56 6.80 14.51 40.25
C SER C 56 6.83 13.47 39.11
N THR C 57 7.98 12.84 38.93
CA THR C 57 8.15 11.77 37.95
C THR C 57 8.27 10.42 38.66
N VAL C 58 7.49 9.45 38.19
CA VAL C 58 7.62 8.07 38.63
C VAL C 58 8.36 7.32 37.52
N THR C 59 9.36 6.53 37.91
CA THR C 59 10.05 5.68 36.94
C THR C 59 9.38 4.31 36.90
N TYR C 60 8.92 3.91 35.71
CA TYR C 60 8.36 2.59 35.52
C TYR C 60 9.38 1.75 34.74
N TRP C 61 9.71 0.58 35.28
CA TRP C 61 10.74 -0.27 34.69
C TRP C 61 10.14 -1.41 33.89
N ALA C 62 10.69 -1.63 32.69
CA ALA C 62 10.39 -2.82 31.89
C ALA C 62 11.58 -3.78 31.98
N ASN C 63 11.29 -5.08 31.93
CA ASN C 63 12.32 -6.11 32.08
C ASN C 63 12.19 -7.20 31.01
N PRO C 64 13.25 -7.40 30.21
CA PRO C 64 14.59 -6.74 30.30
C PRO C 64 14.63 -5.31 29.75
N ASP C 65 13.81 -5.06 28.73
CA ASP C 65 13.66 -3.76 28.11
C ASP C 65 12.55 -3.94 27.10
N VAL C 66 12.16 -2.82 26.50
CA VAL C 66 11.14 -2.82 25.47
C VAL C 66 11.85 -2.97 24.11
N TYR C 67 11.57 -4.08 23.41
CA TYR C 67 12.28 -4.34 22.16
C TYR C 67 11.40 -4.56 20.91
N HIS C 68 10.09 -4.70 21.09
CA HIS C 68 9.18 -4.76 19.92
C HIS C 68 8.79 -3.32 19.56
N PRO C 69 8.66 -3.03 18.25
CA PRO C 69 8.25 -1.69 17.81
C PRO C 69 6.80 -1.41 18.27
N GLY C 70 6.56 -0.21 18.76
CA GLY C 70 5.23 0.18 19.19
C GLY C 70 5.23 1.20 20.31
N PRO C 71 4.06 1.81 20.58
CA PRO C 71 3.97 2.89 21.56
C PRO C 71 3.96 2.42 23.02
N VAL C 72 4.59 3.22 23.88
CA VAL C 72 4.40 3.12 25.33
C VAL C 72 3.36 4.18 25.75
N GLN C 73 2.40 3.76 26.60
CA GLN C 73 1.38 4.69 27.12
C GLN C 73 1.17 4.44 28.61
N PHE C 74 0.90 5.51 29.37
CA PHE C 74 0.57 5.36 30.80
C PHE C 74 -0.78 5.97 31.11
N TYR C 75 -1.54 5.29 31.96
CA TYR C 75 -2.84 5.78 32.41
C TYR C 75 -2.87 5.77 33.94
N MET C 76 -3.76 6.59 34.50
CA MET C 76 -4.03 6.60 35.93
C MET C 76 -5.53 6.51 36.24
N ALA C 77 -5.85 6.02 37.43
CA ALA C 77 -7.22 5.97 37.93
C ALA C 77 -7.22 6.23 39.42
N ARG C 78 -8.12 7.11 39.88
CA ARG C 78 -8.14 7.52 41.29
C ARG C 78 -9.07 6.64 42.13
N VAL C 79 -8.54 6.10 43.22
CA VAL C 79 -9.31 5.38 44.23
C VAL C 79 -10.18 6.41 44.99
N PRO C 80 -11.50 6.15 45.11
CA PRO C 80 -12.36 7.07 45.88
C PRO C 80 -11.92 7.16 47.35
N ASP C 81 -12.17 8.32 47.96
CA ASP C 81 -11.79 8.58 49.37
C ASP C 81 -12.17 7.47 50.35
N GLY C 82 -13.36 6.90 50.21
CA GLY C 82 -13.81 5.86 51.12
C GLY C 82 -13.55 4.46 50.58
C GLY C 82 -13.13 4.50 50.96
N GLU C 83 -12.46 4.33 49.83
CA GLU C 83 -12.00 3.03 49.35
C GLU C 83 -10.54 2.71 49.71
N ASP C 84 -10.23 1.42 49.79
CA ASP C 84 -8.89 0.93 50.06
C ASP C 84 -8.22 0.56 48.73
N ILE C 85 -7.03 1.10 48.50
CA ILE C 85 -6.25 0.79 47.29
C ILE C 85 -6.04 -0.72 47.08
N ASN C 86 -5.91 -1.47 48.16
CA ASN C 86 -5.69 -2.92 48.08
C ASN C 86 -6.88 -3.71 47.54
N SER C 87 -8.08 -3.16 47.66
CA SER C 87 -9.26 -3.85 47.16
C SER C 87 -9.96 -3.15 46.00
N TRP C 88 -9.45 -1.98 45.60
CA TRP C 88 -10.03 -1.22 44.49
C TRP C 88 -9.31 -1.54 43.18
N ASN C 89 -10.07 -1.88 42.15
CA ASN C 89 -9.50 -2.46 40.93
C ASN C 89 -9.63 -1.66 39.63
N GLY C 90 -10.24 -0.48 39.71
CA GLY C 90 -10.40 0.40 38.54
C GLY C 90 -11.45 -0.05 37.55
N ASP C 91 -12.60 -0.50 38.06
CA ASP C 91 -13.75 -0.86 37.22
C ASP C 91 -14.37 0.41 36.63
N GLY C 92 -15.08 0.26 35.52
CA GLY C 92 -15.79 1.38 34.88
C GLY C 92 -14.86 2.38 34.21
N ALA C 93 -15.44 3.47 33.72
CA ALA C 93 -14.70 4.48 32.98
C ALA C 93 -14.00 5.46 33.93
N VAL C 94 -12.87 5.00 34.48
CA VAL C 94 -12.13 5.75 35.50
C VAL C 94 -10.69 6.07 35.10
N TRP C 95 -10.26 5.61 33.93
CA TRP C 95 -8.87 5.76 33.51
C TRP C 95 -8.65 6.96 32.59
N PHE C 96 -7.63 7.78 32.93
CA PHE C 96 -7.19 8.87 32.05
C PHE C 96 -5.74 8.65 31.63
N LYS C 97 -5.42 9.03 30.41
CA LYS C 97 -4.06 8.89 29.88
C LYS C 97 -3.19 10.06 30.36
N VAL C 98 -2.01 9.73 30.88
CA VAL C 98 -1.06 10.75 31.33
C VAL C 98 0.20 10.84 30.47
N TYR C 99 0.43 9.83 29.62
CA TYR C 99 1.59 9.81 28.72
C TYR C 99 1.33 8.93 27.51
N GLU C 100 1.88 9.35 26.36
CA GLU C 100 2.00 8.47 25.20
C GLU C 100 3.21 8.82 24.34
N ASP C 101 3.78 7.76 23.76
CA ASP C 101 4.82 7.80 22.73
C ASP C 101 4.22 8.23 21.40
N HIS C 102 4.99 8.99 20.63
CA HIS C 102 4.70 9.20 19.21
C HIS C 102 5.93 8.78 18.41
N PRO C 103 5.74 7.99 17.34
CA PRO C 103 6.89 7.63 16.50
C PRO C 103 7.33 8.82 15.64
N THR C 104 8.57 8.79 15.17
CA THR C 104 8.98 9.73 14.13
C THR C 104 8.81 9.05 12.77
N PHE C 105 8.48 9.83 11.75
CA PHE C 105 8.11 9.28 10.46
C PHE C 105 9.19 9.47 9.42
N GLY C 106 9.78 8.37 8.99
CA GLY C 106 10.68 8.36 7.83
C GLY C 106 10.58 7.08 7.03
N ALA C 107 11.72 6.62 6.51
CA ALA C 107 11.79 5.36 5.76
C ALA C 107 11.23 4.20 6.59
N GLN C 108 11.48 4.24 7.88
CA GLN C 108 10.80 3.37 8.84
C GLN C 108 10.32 4.23 9.99
N LEU C 109 9.35 3.74 10.75
CA LEU C 109 8.94 4.39 11.98
C LEU C 109 10.00 4.10 13.01
N THR C 110 10.35 5.13 13.78
CA THR C 110 11.25 4.97 14.91
C THR C 110 10.49 5.28 16.18
N TRP C 111 10.58 4.38 17.15
CA TRP C 111 9.78 4.48 18.36
C TRP C 111 10.67 4.94 19.52
N PRO C 112 10.19 5.93 20.30
CA PRO C 112 10.97 6.47 21.42
C PRO C 112 11.07 5.56 22.66
N SER C 113 10.63 4.32 22.55
CA SER C 113 10.76 3.33 23.62
C SER C 113 11.82 2.22 23.40
N THR C 114 12.24 1.97 22.13
CA THR C 114 13.08 0.79 21.77
C THR C 114 14.44 0.76 22.49
N GLY C 115 14.73 -0.38 23.12
CA GLY C 115 16.00 -0.57 23.83
C GLY C 115 16.05 0.01 25.24
N LYS C 116 14.94 0.63 25.65
CA LYS C 116 14.88 1.29 26.98
C LYS C 116 14.28 0.37 28.04
N SER C 117 14.81 0.45 29.26
CA SER C 117 14.22 -0.22 30.41
C SER C 117 13.53 0.75 31.37
N SER C 118 14.04 1.98 31.39
CA SER C 118 13.59 3.02 32.31
C SER C 118 12.67 4.04 31.61
N PHE C 119 11.48 4.25 32.18
CA PHE C 119 10.49 5.17 31.60
C PHE C 119 9.99 6.23 32.58
N ALA C 120 10.11 7.49 32.18
CA ALA C 120 9.72 8.64 32.97
C ALA C 120 8.23 8.94 32.82
N VAL C 121 7.48 8.72 33.91
CA VAL C 121 6.04 9.01 33.92
C VAL C 121 5.75 10.29 34.68
N PRO C 122 5.25 11.32 33.99
CA PRO C 122 4.90 12.57 34.64
C PRO C 122 3.58 12.43 35.39
N ILE C 123 3.61 12.64 36.70
CA ILE C 123 2.39 12.68 37.49
C ILE C 123 1.87 14.12 37.39
N PRO C 124 0.68 14.32 36.79
CA PRO C 124 0.17 15.69 36.61
C PRO C 124 0.08 16.45 37.94
N PRO C 125 0.50 17.72 37.95
CA PRO C 125 0.50 18.51 39.18
C PRO C 125 -0.91 18.89 39.68
N CYS C 126 -1.88 18.95 38.78
CA CYS C 126 -3.21 19.51 39.08
C CYS C 126 -4.28 18.51 39.53
N ILE C 127 -3.98 17.22 39.44
CA ILE C 127 -4.94 16.18 39.85
C ILE C 127 -5.08 16.10 41.37
N LYS C 128 -6.24 15.63 41.81
CA LYS C 128 -6.57 15.54 43.23
C LYS C 128 -5.65 14.56 43.97
N SER C 129 -5.20 14.94 45.16
CA SER C 129 -4.45 14.04 46.04
C SER C 129 -5.27 12.80 46.33
N GLY C 130 -4.59 11.68 46.56
CA GLY C 130 -5.26 10.43 46.89
C GLY C 130 -4.49 9.23 46.39
N TYR C 131 -5.06 8.04 46.56
CA TYR C 131 -4.47 6.81 46.05
C TYR C 131 -4.85 6.62 44.59
N TYR C 132 -3.89 6.11 43.81
CA TYR C 132 -4.08 5.88 42.38
C TYR C 132 -3.51 4.54 41.94
N LEU C 133 -4.10 3.97 40.90
CA LEU C 133 -3.45 2.92 40.13
C LEU C 133 -2.79 3.60 38.94
N LEU C 134 -1.59 3.14 38.60
CA LEU C 134 -0.85 3.64 37.46
C LEU C 134 -0.62 2.47 36.51
N ARG C 135 -1.25 2.53 35.35
CA ARG C 135 -1.19 1.46 34.35
C ARG C 135 -0.07 1.73 33.35
N ALA C 136 0.85 0.76 33.23
CA ALA C 136 1.89 0.77 32.22
C ALA C 136 1.47 -0.10 31.05
N GLU C 137 1.77 0.37 29.84
CA GLU C 137 1.42 -0.37 28.64
C GLU C 137 2.45 -0.13 27.55
N GLN C 138 2.80 -1.20 26.84
CA GLN C 138 3.47 -1.07 25.55
C GLN C 138 2.73 -1.96 24.56
N ILE C 139 2.54 -1.44 23.36
CA ILE C 139 1.82 -2.18 22.32
C ILE C 139 2.79 -2.59 21.22
N GLY C 140 3.14 -3.88 21.18
CA GLY C 140 4.04 -4.41 20.14
C GLY C 140 3.27 -4.55 18.85
N LEU C 141 3.75 -3.91 17.78
CA LEU C 141 3.01 -3.84 16.50
C LEU C 141 3.66 -4.62 15.36
N HIS C 142 4.67 -5.42 15.69
CA HIS C 142 5.47 -6.15 14.69
C HIS C 142 4.67 -7.21 13.91
N VAL C 143 3.58 -7.72 14.47
CA VAL C 143 2.69 -8.64 13.75
C VAL C 143 1.22 -8.16 13.84
N ALA C 144 1.04 -6.84 13.89
CA ALA C 144 -0.27 -6.25 14.16
C ALA C 144 -1.12 -5.98 12.92
N GLN C 145 -0.66 -6.42 11.75
CA GLN C 145 -1.39 -6.20 10.49
C GLN C 145 -2.68 -7.02 10.40
N SER C 146 -2.84 -7.99 11.27
CA SER C 146 -4.06 -8.80 11.30
C SER C 146 -4.80 -8.62 12.63
N VAL C 147 -6.11 -8.85 12.62
CA VAL C 147 -6.96 -8.68 13.80
C VAL C 147 -6.46 -9.56 14.94
N GLY C 148 -6.30 -8.96 16.13
CA GLY C 148 -5.81 -9.67 17.31
C GLY C 148 -4.30 -9.86 17.32
N GLY C 149 -3.61 -9.23 16.36
CA GLY C 149 -2.16 -9.36 16.22
C GLY C 149 -1.30 -8.51 17.14
N ALA C 150 -1.81 -7.35 17.55
CA ALA C 150 -1.09 -6.48 18.49
C ALA C 150 -0.82 -7.20 19.82
N GLN C 151 0.35 -6.95 20.40
CA GLN C 151 0.75 -7.55 21.67
C GLN C 151 0.88 -6.51 22.79
N PHE C 152 0.03 -6.63 23.81
CA PHE C 152 0.03 -5.68 24.92
C PHE C 152 0.84 -6.20 26.11
N TYR C 153 1.79 -5.39 26.54
CA TYR C 153 2.64 -5.67 27.69
C TYR C 153 2.28 -4.63 28.76
N ILE C 154 1.77 -5.12 29.89
CA ILE C 154 0.99 -4.31 30.84
C ILE C 154 1.30 -4.67 32.30
N SER C 155 1.27 -3.67 33.18
CA SER C 155 1.09 -3.90 34.62
C SER C 155 0.48 -2.64 35.25
N CYS C 156 0.11 -2.75 36.53
CA CYS C 156 -0.38 -1.60 37.29
C CYS C 156 0.30 -1.44 38.63
N ALA C 157 0.71 -0.21 38.94
CA ALA C 157 1.38 0.11 40.19
C ALA C 157 0.41 0.84 41.13
N GLN C 158 0.65 0.68 42.43
CA GLN C 158 -0.15 1.33 43.47
C GLN C 158 0.56 2.56 44.02
N LEU C 159 -0.10 3.70 43.90
CA LEU C 159 0.47 4.99 44.28
C LEU C 159 -0.33 5.69 45.36
N SER C 160 0.38 6.46 46.18
CA SER C 160 -0.24 7.44 47.07
C SER C 160 0.27 8.82 46.63
N VAL C 161 -0.63 9.63 46.09
CA VAL C 161 -0.26 10.93 45.53
C VAL C 161 -0.67 12.05 46.49
N THR C 162 0.30 12.86 46.88
CA THR C 162 0.05 14.00 47.78
C THR C 162 0.33 15.32 47.07
N GLY C 163 -0.14 16.40 47.66
CA GLY C 163 0.13 17.74 47.16
C GLY C 163 -0.50 18.05 45.82
N GLY C 164 -1.70 17.51 45.61
CA GLY C 164 -2.39 17.68 44.33
C GLY C 164 -3.20 18.95 44.21
N GLY C 165 -3.95 19.07 43.12
CA GLY C 165 -4.86 20.18 42.91
C GLY C 165 -6.30 19.72 43.01
N SER C 166 -7.15 20.21 42.12
CA SER C 166 -8.57 19.89 42.13
C SER C 166 -9.15 19.66 40.73
N THR C 167 -8.27 19.51 39.73
CA THR C 167 -8.69 19.30 38.34
C THR C 167 -9.05 17.84 38.10
N GLU C 168 -10.28 17.61 37.65
CA GLU C 168 -10.78 16.27 37.32
C GLU C 168 -10.61 16.00 35.83
N PRO C 169 -9.80 15.00 35.46
CA PRO C 169 -9.63 14.69 34.03
C PRO C 169 -10.95 14.27 33.37
N PRO C 170 -11.31 14.92 32.25
CA PRO C 170 -12.54 14.61 31.51
C PRO C 170 -12.37 13.39 30.61
N ASN C 171 -13.46 12.86 30.07
CA ASN C 171 -13.39 11.76 29.08
C ASN C 171 -12.57 10.51 29.49
N LYS C 172 -12.61 10.16 30.77
CA LYS C 172 -12.05 8.89 31.23
C LYS C 172 -12.61 7.67 30.49
N VAL C 173 -11.86 6.57 30.53
CA VAL C 173 -12.23 5.37 29.79
C VAL C 173 -12.10 4.11 30.64
N ALA C 174 -12.69 3.01 30.15
CA ALA C 174 -12.68 1.74 30.85
C ALA C 174 -11.73 0.75 30.16
N PHE C 175 -11.18 -0.18 30.94
CA PHE C 175 -10.40 -1.29 30.41
C PHE C 175 -10.91 -2.62 30.97
N PRO C 176 -11.50 -3.47 30.11
CA PRO C 176 -11.80 -3.26 28.70
C PRO C 176 -12.85 -2.19 28.43
N GLY C 177 -12.91 -1.71 27.19
CA GLY C 177 -13.84 -0.66 26.79
C GLY C 177 -13.21 0.38 25.87
N ALA C 178 -12.01 0.82 26.24
CA ALA C 178 -11.32 1.92 25.55
C ALA C 178 -10.87 1.57 24.14
N TYR C 179 -10.55 0.30 23.92
CA TYR C 179 -9.90 -0.13 22.67
C TYR C 179 -10.77 -1.08 21.89
N SER C 180 -10.74 -0.92 20.57
CA SER C 180 -11.29 -1.91 19.66
C SER C 180 -10.19 -2.57 18.85
N ALA C 181 -10.39 -3.85 18.53
CA ALA C 181 -9.44 -4.60 17.70
C ALA C 181 -9.20 -3.99 16.33
N THR C 182 -10.07 -3.10 15.88
CA THR C 182 -9.90 -2.46 14.57
C THR C 182 -9.39 -1.02 14.66
N ASP C 183 -9.09 -0.54 15.87
CA ASP C 183 -8.51 0.81 16.04
C ASP C 183 -7.28 0.96 15.14
N PRO C 184 -7.13 2.11 14.46
CA PRO C 184 -6.04 2.33 13.49
C PRO C 184 -4.63 2.25 14.06
N GLY C 185 -4.49 2.44 15.38
CA GLY C 185 -3.19 2.27 16.06
C GLY C 185 -2.93 0.87 16.59
N ILE C 186 -3.89 -0.02 16.42
CA ILE C 186 -3.83 -1.38 16.95
C ILE C 186 -3.80 -2.39 15.79
N LEU C 187 -4.70 -2.23 14.84
CA LEU C 187 -4.68 -3.00 13.60
C LEU C 187 -3.97 -2.14 12.57
N ILE C 188 -2.73 -2.51 12.26
CA ILE C 188 -1.84 -1.65 11.51
C ILE C 188 -0.66 -2.43 10.91
N ASN C 189 -0.30 -2.08 9.68
CA ASN C 189 0.92 -2.59 9.08
C ASN C 189 1.96 -1.48 9.13
N ILE C 190 2.93 -1.63 10.03
CA ILE C 190 3.97 -0.61 10.23
C ILE C 190 5.08 -0.66 9.17
N TYR C 191 5.08 -1.70 8.34
CA TYR C 191 6.19 -1.97 7.40
C TYR C 191 5.91 -1.56 5.97
N TYR C 192 4.66 -1.74 5.52
CA TYR C 192 4.26 -1.37 4.16
C TYR C 192 2.75 -1.10 4.01
N PRO C 193 2.39 0.05 3.40
CA PRO C 193 3.28 1.19 3.17
C PRO C 193 3.66 1.77 4.53
N VAL C 194 4.88 2.24 4.70
CA VAL C 194 5.29 2.79 5.99
C VAL C 194 4.35 3.95 6.34
N PRO C 195 3.69 3.90 7.52
CA PRO C 195 2.82 5.02 7.92
C PRO C 195 3.51 6.39 7.95
N THR C 196 2.75 7.44 7.64
CA THR C 196 3.25 8.81 7.75
C THR C 196 2.55 9.52 8.90
N SER C 197 1.57 8.84 9.49
CA SER C 197 0.93 9.27 10.73
C SER C 197 0.66 8.04 11.58
N TYR C 198 0.44 8.26 12.89
CA TYR C 198 0.07 7.18 13.81
C TYR C 198 -0.96 7.65 14.83
N GLN C 199 -2.11 6.97 14.86
CA GLN C 199 -3.20 7.31 15.79
C GLN C 199 -3.12 6.47 17.08
N ASN C 200 -2.53 7.03 18.13
CA ASN C 200 -2.47 6.31 19.40
C ASN C 200 -3.85 5.86 19.83
N PRO C 201 -3.97 4.60 20.26
CA PRO C 201 -5.30 4.20 20.72
C PRO C 201 -5.66 4.81 22.08
N GLY C 202 -6.96 4.93 22.33
CA GLY C 202 -7.47 5.50 23.57
C GLY C 202 -7.65 7.01 23.53
N PRO C 203 -7.95 7.62 24.69
CA PRO C 203 -8.26 9.05 24.78
C PRO C 203 -7.02 9.93 24.65
N ALA C 204 -7.24 11.23 24.45
CA ALA C 204 -6.14 12.18 24.41
C ALA C 204 -5.42 12.22 25.77
N VAL C 205 -4.12 12.51 25.74
CA VAL C 205 -3.34 12.68 26.96
C VAL C 205 -3.91 13.84 27.77
N PHE C 206 -4.17 13.61 29.05
CA PHE C 206 -4.59 14.67 29.95
C PHE C 206 -3.41 15.56 30.27
N SER C 207 -3.64 16.87 30.19
CA SER C 207 -2.67 17.83 30.72
C SER C 207 -3.33 18.96 31.50
N CYS C 208 -2.57 19.51 32.43
CA CYS C 208 -3.03 20.58 33.30
C CYS C 208 -3.01 21.93 32.59
N HIS D 1 -8.27 26.38 10.30
CA HIS D 1 -8.48 25.14 11.12
C HIS D 1 -9.96 24.88 11.36
N TYR D 2 -10.51 23.97 10.56
CA TYR D 2 -11.93 23.63 10.62
C TYR D 2 -12.14 22.22 10.11
N THR D 3 -13.16 21.56 10.65
CA THR D 3 -13.58 20.25 10.19
C THR D 3 -14.78 20.40 9.25
N TRP D 4 -15.09 19.33 8.53
CA TRP D 4 -16.34 19.22 7.79
C TRP D 4 -17.14 18.06 8.42
N PRO D 5 -17.74 18.27 9.61
CA PRO D 5 -18.21 17.13 10.41
C PRO D 5 -19.62 16.59 10.13
N ARG D 6 -20.46 17.33 9.42
CA ARG D 6 -21.86 16.92 9.31
C ARG D 6 -22.54 17.34 8.02
N VAL D 7 -23.57 16.57 7.67
CA VAL D 7 -24.43 16.87 6.53
C VAL D 7 -25.88 17.01 6.99
N ASN D 8 -26.63 17.85 6.28
CA ASN D 8 -28.02 18.17 6.63
C ASN D 8 -28.23 18.34 8.15
N ASP D 9 -29.15 17.56 8.72
CA ASP D 9 -29.52 17.65 10.13
C ASP D 9 -28.81 16.64 11.04
N GLY D 10 -27.82 15.93 10.48
CA GLY D 10 -27.11 14.88 11.23
C GLY D 10 -26.10 15.42 12.22
N ALA D 11 -25.73 14.57 13.18
CA ALA D 11 -24.72 14.92 14.19
C ALA D 11 -23.31 14.77 13.62
N ASP D 12 -22.32 15.26 14.36
CA ASP D 12 -20.90 15.15 13.99
C ASP D 12 -20.56 13.70 13.67
N TRP D 13 -20.01 13.48 12.48
CA TRP D 13 -19.51 12.18 12.04
C TRP D 13 -20.55 11.06 12.05
N GLN D 14 -21.82 11.42 11.85
CA GLN D 14 -22.90 10.42 11.82
C GLN D 14 -23.06 9.83 10.41
N GLN D 15 -23.23 10.69 9.41
CA GLN D 15 -23.22 10.28 8.01
C GLN D 15 -21.90 10.66 7.33
N VAL D 16 -21.00 11.26 8.10
CA VAL D 16 -19.69 11.67 7.60
C VAL D 16 -18.63 10.78 8.24
N ARG D 17 -17.80 10.15 7.41
CA ARG D 17 -16.67 9.37 7.91
C ARG D 17 -15.76 10.24 8.74
N LYS D 18 -15.44 9.77 9.94
CA LYS D 18 -14.67 10.57 10.89
C LYS D 18 -13.29 10.92 10.33
N ALA D 19 -13.07 12.22 10.13
CA ALA D 19 -11.81 12.70 9.58
C ALA D 19 -10.72 12.63 10.64
N ASP D 20 -9.48 12.45 10.20
CA ASP D 20 -8.33 12.34 11.11
C ASP D 20 -8.11 13.64 11.91
N ASN D 21 -8.65 14.74 11.42
CA ASN D 21 -8.56 16.03 12.13
C ASN D 21 -9.73 16.35 13.05
N TRP D 22 -10.52 15.32 13.40
CA TRP D 22 -11.76 15.52 14.17
C TRP D 22 -11.53 16.22 15.52
N GLN D 23 -10.31 16.10 16.06
CA GLN D 23 -9.93 16.79 17.29
C GLN D 23 -9.01 17.98 17.09
N ASP D 24 -8.00 17.84 16.22
CA ASP D 24 -6.98 18.88 16.11
C ASP D 24 -7.27 19.95 15.05
N ASN D 25 -8.35 19.75 14.29
CA ASN D 25 -8.79 20.69 13.25
C ASN D 25 -7.73 20.96 12.18
N GLY D 26 -6.74 20.09 12.10
CA GLY D 26 -5.62 20.24 11.18
C GLY D 26 -5.98 20.02 9.71
N TYR D 27 -4.95 19.96 8.87
CA TYR D 27 -5.16 19.93 7.41
C TYR D 27 -4.30 18.87 6.72
N VAL D 28 -4.65 18.55 5.47
CA VAL D 28 -3.78 17.74 4.62
C VAL D 28 -2.89 18.66 3.79
N GLY D 29 -1.58 18.43 3.83
CA GLY D 29 -0.63 19.27 3.10
C GLY D 29 0.03 18.57 1.92
N ASP D 30 -0.13 17.25 1.84
CA ASP D 30 0.50 16.43 0.81
C ASP D 30 -0.57 15.90 -0.14
N VAL D 31 -0.61 16.41 -1.37
CA VAL D 31 -1.62 15.99 -2.35
C VAL D 31 -1.44 14.55 -2.86
N THR D 32 -0.29 13.94 -2.56
CA THR D 32 -0.03 12.54 -2.93
C THR D 32 -0.41 11.56 -1.80
N SER D 33 -0.83 12.09 -0.65
CA SER D 33 -1.14 11.25 0.50
C SER D 33 -2.56 10.67 0.41
N PRO D 34 -2.77 9.44 0.95
CA PRO D 34 -4.12 8.87 1.04
C PRO D 34 -5.15 9.79 1.71
N GLN D 35 -4.70 10.62 2.65
CA GLN D 35 -5.58 11.57 3.33
C GLN D 35 -6.22 12.59 2.39
N ILE D 36 -5.65 12.79 1.21
CA ILE D 36 -6.20 13.77 0.27
C ILE D 36 -7.64 13.43 -0.19
N ARG D 37 -8.00 12.15 -0.08
CA ARG D 37 -9.31 11.68 -0.52
C ARG D 37 -10.40 12.02 0.49
N CYS D 38 -10.35 11.41 1.68
CA CYS D 38 -11.39 11.57 2.70
C CYS D 38 -10.82 11.90 4.10
N PHE D 39 -9.57 12.36 4.15
CA PHE D 39 -8.87 12.68 5.40
C PHE D 39 -8.83 11.48 6.38
N GLN D 40 -8.67 10.27 5.83
CA GLN D 40 -8.55 9.07 6.65
C GLN D 40 -7.33 8.27 6.20
N ALA D 41 -6.29 8.24 7.03
CA ALA D 41 -5.13 7.40 6.76
C ALA D 41 -5.55 5.91 6.68
N THR D 42 -6.54 5.55 7.50
CA THR D 42 -7.13 4.21 7.50
C THR D 42 -8.64 4.38 7.27
N PRO D 43 -9.18 3.95 6.10
CA PRO D 43 -10.61 4.17 5.86
C PRO D 43 -11.47 3.51 6.94
N SER D 44 -12.53 4.21 7.32
CA SER D 44 -13.44 3.74 8.37
C SER D 44 -14.80 4.34 8.09
N PRO D 45 -15.85 3.49 7.99
CA PRO D 45 -17.17 3.97 7.58
C PRO D 45 -17.85 4.85 8.62
N ALA D 46 -18.78 5.67 8.17
CA ALA D 46 -19.67 6.40 9.06
C ALA D 46 -20.77 5.43 9.49
N PRO D 47 -21.30 5.60 10.72
CA PRO D 47 -22.33 4.67 11.22
C PRO D 47 -23.68 4.77 10.49
N SER D 48 -23.89 5.86 9.74
CA SER D 48 -25.16 6.11 9.08
C SER D 48 -24.99 6.57 7.62
N VAL D 49 -26.08 6.54 6.88
CA VAL D 49 -26.12 6.98 5.49
C VAL D 49 -27.22 8.04 5.34
N LEU D 50 -26.92 9.11 4.61
CA LEU D 50 -27.90 10.15 4.31
C LEU D 50 -28.68 9.84 3.05
N ASN D 51 -30.00 9.68 3.19
CA ASN D 51 -30.88 9.51 2.05
C ASN D 51 -31.19 10.84 1.40
N THR D 52 -31.02 10.91 0.08
CA THR D 52 -31.33 12.11 -0.67
C THR D 52 -31.73 11.72 -2.09
N THR D 53 -32.32 12.65 -2.82
CA THR D 53 -32.71 12.38 -4.20
C THR D 53 -31.81 13.14 -5.18
N ALA D 54 -31.62 12.56 -6.36
CA ALA D 54 -30.93 13.26 -7.45
C ALA D 54 -31.71 14.53 -7.78
N GLY D 55 -31.00 15.65 -7.86
CA GLY D 55 -31.65 16.94 -8.09
C GLY D 55 -31.88 17.74 -6.82
N SER D 56 -31.70 17.11 -5.66
CA SER D 56 -31.86 17.82 -4.39
C SER D 56 -30.55 18.47 -3.94
N THR D 57 -30.62 19.26 -2.86
CA THR D 57 -29.45 19.89 -2.27
C THR D 57 -29.10 19.21 -0.95
N VAL D 58 -27.82 18.87 -0.79
CA VAL D 58 -27.30 18.41 0.49
C VAL D 58 -26.54 19.58 1.13
N THR D 59 -26.79 19.83 2.41
CA THR D 59 -26.06 20.86 3.14
C THR D 59 -24.85 20.22 3.81
N TYR D 60 -23.66 20.70 3.47
CA TYR D 60 -22.44 20.24 4.12
C TYR D 60 -22.01 21.35 5.06
N TRP D 61 -21.74 20.98 6.31
CA TRP D 61 -21.37 21.93 7.35
C TRP D 61 -19.87 21.91 7.64
N ALA D 62 -19.29 23.10 7.78
CA ALA D 62 -17.93 23.27 8.29
C ALA D 62 -17.99 23.80 9.73
N ASN D 63 -17.01 23.42 10.54
CA ASN D 63 -16.94 23.88 11.93
C ASN D 63 -15.51 24.25 12.37
N PRO D 64 -15.34 25.46 12.94
N PRO D 64 -15.26 25.50 12.79
CA PRO D 64 -16.42 26.42 13.27
CA PRO D 64 -16.13 26.68 12.71
C PRO D 64 -17.05 27.07 12.05
C PRO D 64 -16.22 27.16 11.27
N ASP D 65 -16.24 27.27 11.02
N ASP D 65 -16.76 28.35 11.07
CA ASP D 65 -16.65 27.96 9.82
CA ASP D 65 -16.87 28.92 9.73
C ASP D 65 -15.39 28.15 8.98
C ASP D 65 -15.53 28.86 8.98
N VAL D 66 -15.57 28.45 7.71
CA VAL D 66 -14.42 28.54 6.81
C VAL D 66 -13.84 29.94 6.86
N TYR D 67 -12.58 30.06 7.26
CA TYR D 67 -11.99 31.39 7.42
C TYR D 67 -10.66 31.65 6.70
N HIS D 68 -10.03 30.62 6.14
CA HIS D 68 -8.85 30.84 5.29
C HIS D 68 -9.31 31.10 3.86
N PRO D 69 -8.63 32.02 3.16
CA PRO D 69 -9.01 32.34 1.78
C PRO D 69 -8.72 31.12 0.89
N GLY D 70 -9.64 30.81 -0.01
CA GLY D 70 -9.46 29.70 -0.94
C GLY D 70 -10.78 29.08 -1.35
N PRO D 71 -10.75 28.23 -2.40
CA PRO D 71 -11.97 27.66 -2.97
C PRO D 71 -12.57 26.52 -2.14
N VAL D 72 -13.90 26.37 -2.26
CA VAL D 72 -14.62 25.19 -1.77
C VAL D 72 -15.01 24.39 -2.99
N GLN D 73 -14.79 23.07 -2.95
CA GLN D 73 -15.15 22.18 -4.05
C GLN D 73 -15.76 20.90 -3.48
N PHE D 74 -16.72 20.32 -4.20
CA PHE D 74 -17.31 19.04 -3.81
C PHE D 74 -17.20 18.03 -4.93
N TYR D 75 -16.91 16.78 -4.57
CA TYR D 75 -16.83 15.69 -5.54
C TYR D 75 -17.71 14.53 -5.09
N MET D 76 -18.10 13.69 -6.04
CA MET D 76 -18.85 12.47 -5.74
C MET D 76 -18.22 11.25 -6.41
N ALA D 77 -18.47 10.07 -5.84
CA ALA D 77 -18.04 8.80 -6.43
C ALA D 77 -19.11 7.75 -6.15
N ARG D 78 -19.47 6.97 -7.17
CA ARG D 78 -20.56 6.00 -7.04
C ARG D 78 -20.07 4.61 -6.63
N VAL D 79 -20.65 4.08 -5.55
CA VAL D 79 -20.43 2.70 -5.12
C VAL D 79 -21.07 1.76 -6.14
N PRO D 80 -20.34 0.75 -6.63
CA PRO D 80 -20.93 -0.23 -7.57
C PRO D 80 -22.09 -0.99 -6.94
N ASP D 81 -23.05 -1.41 -7.77
CA ASP D 81 -24.24 -2.11 -7.31
C ASP D 81 -23.97 -3.29 -6.36
N GLY D 82 -22.94 -4.07 -6.67
CA GLY D 82 -22.60 -5.24 -5.84
C GLY D 82 -21.82 -4.91 -4.57
N GLU D 83 -21.63 -3.63 -4.27
CA GLU D 83 -20.74 -3.22 -3.19
C GLU D 83 -21.47 -2.56 -2.02
N ASP D 84 -20.84 -2.63 -0.85
CA ASP D 84 -21.37 -2.06 0.39
C ASP D 84 -20.72 -0.71 0.62
N ILE D 85 -21.52 0.35 0.78
CA ILE D 85 -20.98 1.69 1.07
C ILE D 85 -20.05 1.72 2.29
N ASN D 86 -20.31 0.87 3.28
CA ASN D 86 -19.48 0.83 4.48
C ASN D 86 -18.06 0.32 4.25
N SER D 87 -17.86 -0.46 3.20
CA SER D 87 -16.53 -1.02 2.93
C SER D 87 -15.89 -0.51 1.64
N TRP D 88 -16.59 0.35 0.91
CA TRP D 88 -16.11 0.91 -0.36
C TRP D 88 -15.50 2.29 -0.15
N ASN D 89 -14.27 2.48 -0.65
CA ASN D 89 -13.48 3.66 -0.28
C ASN D 89 -13.16 4.65 -1.39
N GLY D 90 -13.64 4.38 -2.60
CA GLY D 90 -13.40 5.25 -3.76
C GLY D 90 -11.98 5.21 -4.30
N ASP D 91 -11.41 4.01 -4.39
CA ASP D 91 -10.11 3.82 -5.03
C ASP D 91 -10.22 4.07 -6.54
N GLY D 92 -9.10 4.39 -7.17
CA GLY D 92 -9.04 4.58 -8.62
C GLY D 92 -9.73 5.85 -9.11
N ALA D 93 -9.79 6.02 -10.42
CA ALA D 93 -10.35 7.22 -11.04
C ALA D 93 -11.89 7.16 -11.09
N VAL D 94 -12.50 7.42 -9.94
CA VAL D 94 -13.96 7.29 -9.79
C VAL D 94 -14.64 8.60 -9.36
N TRP D 95 -13.86 9.65 -9.13
CA TRP D 95 -14.41 10.90 -8.59
C TRP D 95 -14.74 11.91 -9.69
N PHE D 96 -15.95 12.49 -9.61
CA PHE D 96 -16.30 13.63 -10.47
C PHE D 96 -16.68 14.86 -9.63
N LYS D 97 -16.35 16.05 -10.13
CA LYS D 97 -16.64 17.29 -9.42
C LYS D 97 -18.09 17.74 -9.66
N VAL D 98 -18.79 18.08 -8.59
CA VAL D 98 -20.18 18.54 -8.68
C VAL D 98 -20.37 20.02 -8.30
N TYR D 99 -19.35 20.62 -7.70
CA TYR D 99 -19.40 22.02 -7.28
C TYR D 99 -18.01 22.61 -7.12
N GLU D 100 -17.85 23.87 -7.52
CA GLU D 100 -16.68 24.67 -7.14
C GLU D 100 -17.09 26.13 -7.03
N ASP D 101 -16.43 26.90 -6.17
CA ASP D 101 -16.66 28.33 -6.19
C ASP D 101 -15.46 29.08 -6.79
N HIS D 102 -15.56 30.40 -6.85
CA HIS D 102 -14.57 31.23 -7.51
C HIS D 102 -14.39 32.54 -6.74
N PRO D 103 -13.15 33.06 -6.70
CA PRO D 103 -12.97 34.32 -5.99
C PRO D 103 -13.50 35.50 -6.82
N THR D 104 -13.86 36.59 -6.16
CA THR D 104 -14.12 37.82 -6.90
C THR D 104 -12.83 38.63 -6.95
N PHE D 105 -12.62 39.31 -8.06
CA PHE D 105 -11.33 39.96 -8.33
C PHE D 105 -11.40 41.47 -8.11
N GLY D 106 -10.70 41.93 -7.07
CA GLY D 106 -10.59 43.36 -6.76
C GLY D 106 -9.15 43.68 -6.42
N ALA D 107 -8.94 44.63 -5.50
CA ALA D 107 -7.58 44.97 -5.03
C ALA D 107 -6.99 43.80 -4.28
N GLN D 108 -7.90 43.03 -3.69
CA GLN D 108 -7.57 41.76 -3.08
C GLN D 108 -8.62 40.75 -3.55
N LEU D 109 -8.39 39.46 -3.36
CA LEU D 109 -9.41 38.47 -3.70
C LEU D 109 -10.40 38.29 -2.56
N THR D 110 -11.68 38.21 -2.90
CA THR D 110 -12.71 37.90 -1.91
C THR D 110 -13.29 36.53 -2.24
N TRP D 111 -13.31 35.66 -1.25
CA TRP D 111 -13.79 34.28 -1.43
C TRP D 111 -15.18 34.12 -0.84
N PRO D 112 -16.11 33.52 -1.61
CA PRO D 112 -17.49 33.29 -1.19
C PRO D 112 -17.59 32.55 0.14
N SER D 113 -16.68 31.59 0.39
CA SER D 113 -16.78 30.72 1.55
C SER D 113 -16.46 31.39 2.88
N THR D 114 -15.79 32.54 2.80
CA THR D 114 -15.25 33.15 4.00
C THR D 114 -16.34 33.54 4.99
N GLY D 115 -16.21 33.00 6.21
CA GLY D 115 -17.17 33.28 7.28
C GLY D 115 -18.42 32.41 7.30
N LYS D 116 -18.48 31.43 6.41
CA LYS D 116 -19.68 30.59 6.29
C LYS D 116 -19.46 29.19 6.89
N SER D 117 -20.53 28.62 7.45
CA SER D 117 -20.49 27.26 8.00
C SER D 117 -21.34 26.32 7.17
N SER D 118 -22.33 26.86 6.47
CA SER D 118 -23.32 26.05 5.75
C SER D 118 -23.11 26.15 4.24
N PHE D 119 -22.99 24.98 3.58
CA PHE D 119 -22.72 24.93 2.15
C PHE D 119 -23.72 24.08 1.37
N ALA D 120 -24.29 24.68 0.33
CA ALA D 120 -25.31 24.02 -0.49
C ALA D 120 -24.69 23.20 -1.63
N VAL D 121 -24.83 21.88 -1.54
CA VAL D 121 -24.27 20.98 -2.55
C VAL D 121 -25.38 20.43 -3.45
N PRO D 122 -25.35 20.83 -4.74
CA PRO D 122 -26.34 20.34 -5.70
C PRO D 122 -26.04 18.90 -6.11
N ILE D 123 -26.96 17.99 -5.82
CA ILE D 123 -26.83 16.61 -6.30
C ILE D 123 -27.41 16.62 -7.72
N PRO D 124 -26.56 16.33 -8.74
CA PRO D 124 -27.05 16.34 -10.13
C PRO D 124 -28.27 15.45 -10.33
N PRO D 125 -29.29 15.95 -11.06
CA PRO D 125 -30.51 15.17 -11.28
C PRO D 125 -30.34 13.97 -12.20
N CYS D 126 -29.32 14.00 -13.06
CA CYS D 126 -29.18 13.01 -14.14
C CYS D 126 -28.28 11.81 -13.84
N ILE D 127 -27.59 11.84 -12.71
CA ILE D 127 -26.71 10.73 -12.33
C ILE D 127 -27.50 9.50 -11.87
N LYS D 128 -26.90 8.33 -12.03
CA LYS D 128 -27.52 7.05 -11.68
C LYS D 128 -27.82 6.95 -10.19
N SER D 129 -29.00 6.42 -9.86
CA SER D 129 -29.36 6.11 -8.48
C SER D 129 -28.32 5.16 -7.90
N GLY D 130 -28.10 5.26 -6.58
CA GLY D 130 -27.18 4.35 -5.91
C GLY D 130 -26.54 5.01 -4.70
N TYR D 131 -25.61 4.27 -4.09
CA TYR D 131 -24.84 4.80 -2.97
C TYR D 131 -23.64 5.59 -3.48
N TYR D 132 -23.36 6.70 -2.80
CA TYR D 132 -22.27 7.58 -3.20
C TYR D 132 -21.48 8.04 -1.99
N LEU D 133 -20.19 8.30 -2.22
CA LEU D 133 -19.42 9.11 -1.29
C LEU D 133 -19.47 10.54 -1.81
N LEU D 134 -19.59 11.50 -0.88
CA LEU D 134 -19.55 12.91 -1.21
C LEU D 134 -18.37 13.56 -0.48
N ARG D 135 -17.40 14.02 -1.26
CA ARG D 135 -16.18 14.59 -0.71
C ARG D 135 -16.29 16.12 -0.60
N ALA D 136 -16.09 16.64 0.61
CA ALA D 136 -16.02 18.08 0.87
C ALA D 136 -14.57 18.50 0.92
N GLU D 137 -14.28 19.67 0.36
CA GLU D 137 -12.93 20.19 0.30
C GLU D 137 -12.95 21.71 0.38
N GLN D 138 -12.07 22.26 1.21
CA GLN D 138 -11.71 23.68 1.11
C GLN D 138 -10.19 23.76 1.08
N ILE D 139 -9.66 24.57 0.18
CA ILE D 139 -8.22 24.73 0.02
C ILE D 139 -7.77 26.11 0.52
N GLY D 140 -7.17 26.13 1.70
CA GLY D 140 -6.63 27.37 2.28
C GLY D 140 -5.36 27.76 1.52
N LEU D 141 -5.37 28.95 0.94
CA LEU D 141 -4.28 29.41 0.07
C LEU D 141 -3.41 30.53 0.66
N HIS D 142 -3.60 30.81 1.95
CA HIS D 142 -2.96 31.93 2.65
C HIS D 142 -1.43 31.80 2.77
N VAL D 143 -0.93 30.57 2.70
CA VAL D 143 0.53 30.35 2.67
C VAL D 143 0.91 29.42 1.51
N ALA D 144 0.17 29.52 0.41
CA ALA D 144 0.29 28.58 -0.69
C ALA D 144 1.32 28.98 -1.76
N GLN D 145 2.07 30.06 -1.52
CA GLN D 145 3.05 30.55 -2.49
C GLN D 145 4.27 29.63 -2.63
N SER D 146 4.42 28.70 -1.69
CA SER D 146 5.49 27.70 -1.73
C SER D 146 4.93 26.30 -1.94
N VAL D 147 5.75 25.43 -2.53
CA VAL D 147 5.38 24.04 -2.76
C VAL D 147 4.98 23.36 -1.43
N GLY D 148 3.82 22.69 -1.46
CA GLY D 148 3.28 22.01 -0.27
C GLY D 148 2.63 22.94 0.75
N GLY D 149 2.47 24.21 0.39
CA GLY D 149 1.93 25.23 1.29
C GLY D 149 0.42 25.27 1.41
N ALA D 150 -0.29 24.86 0.36
CA ALA D 150 -1.78 24.80 0.38
C ALA D 150 -2.28 23.90 1.50
N GLN D 151 -3.38 24.29 2.14
CA GLN D 151 -3.95 23.52 3.25
C GLN D 151 -5.33 22.98 2.90
N PHE D 152 -5.44 21.66 2.84
CA PHE D 152 -6.68 21.00 2.45
C PHE D 152 -7.50 20.55 3.65
N TYR D 153 -8.74 21.04 3.70
CA TYR D 153 -9.69 20.69 4.76
C TYR D 153 -10.80 19.86 4.12
N ILE D 154 -10.89 18.60 4.56
CA ILE D 154 -11.59 17.56 3.80
C ILE D 154 -12.40 16.63 4.71
N SER D 155 -13.52 16.12 4.19
CA SER D 155 -14.17 14.93 4.75
C SER D 155 -15.03 14.29 3.66
N CYS D 156 -15.55 13.08 3.94
CA CYS D 156 -16.46 12.42 3.02
C CYS D 156 -17.71 11.91 3.71
N ALA D 157 -18.85 12.18 3.08
CA ALA D 157 -20.16 11.74 3.58
C ALA D 157 -20.66 10.54 2.80
N GLN D 158 -21.48 9.73 3.46
CA GLN D 158 -22.09 8.54 2.84
C GLN D 158 -23.55 8.84 2.47
N LEU D 159 -23.85 8.68 1.19
CA LEU D 159 -25.16 9.01 0.63
C LEU D 159 -25.84 7.82 -0.01
N SER D 160 -27.16 7.81 0.05
CA SER D 160 -27.98 6.94 -0.77
C SER D 160 -28.83 7.84 -1.65
N VAL D 161 -28.57 7.80 -2.95
CA VAL D 161 -29.21 8.68 -3.92
C VAL D 161 -30.28 7.91 -4.69
N THR D 162 -31.51 8.41 -4.65
CA THR D 162 -32.61 7.77 -5.36
C THR D 162 -33.18 8.71 -6.42
N GLY D 163 -33.97 8.16 -7.33
CA GLY D 163 -34.65 8.93 -8.37
C GLY D 163 -33.71 9.57 -9.37
N GLY D 164 -32.64 8.85 -9.72
CA GLY D 164 -31.63 9.38 -10.63
C GLY D 164 -31.93 9.16 -12.09
N GLY D 165 -30.96 9.48 -12.94
CA GLY D 165 -31.07 9.25 -14.38
C GLY D 165 -30.11 8.15 -14.82
N SER D 166 -29.48 8.34 -15.97
CA SER D 166 -28.55 7.36 -16.50
C SER D 166 -27.28 7.97 -17.10
N THR D 167 -27.02 9.24 -16.79
CA THR D 167 -25.84 9.94 -17.31
C THR D 167 -24.60 9.62 -16.48
N GLU D 168 -23.57 9.09 -17.14
CA GLU D 168 -22.30 8.78 -16.50
C GLU D 168 -21.33 9.94 -16.69
N PRO D 169 -20.90 10.58 -15.57
CA PRO D 169 -19.92 11.66 -15.67
C PRO D 169 -18.61 11.22 -16.32
N PRO D 170 -18.15 11.95 -17.36
CA PRO D 170 -16.91 11.61 -18.06
C PRO D 170 -15.67 12.15 -17.31
N ASN D 171 -14.48 11.69 -17.69
CA ASN D 171 -13.21 12.21 -17.15
C ASN D 171 -13.09 12.21 -15.62
N LYS D 172 -13.48 11.10 -15.00
CA LYS D 172 -13.38 10.98 -13.55
C LYS D 172 -11.92 10.93 -13.12
N VAL D 173 -11.67 11.29 -11.88
CA VAL D 173 -10.30 11.40 -11.39
C VAL D 173 -10.08 10.61 -10.09
N ALA D 174 -8.82 10.40 -9.75
CA ALA D 174 -8.44 9.67 -8.53
C ALA D 174 -7.91 10.62 -7.46
N PHE D 175 -8.09 10.25 -6.19
CA PHE D 175 -7.46 10.95 -5.06
C PHE D 175 -6.71 9.95 -4.17
N PRO D 176 -5.37 10.04 -4.12
CA PRO D 176 -4.50 10.95 -4.88
C PRO D 176 -4.49 10.67 -6.39
N GLY D 177 -4.00 11.63 -7.17
CA GLY D 177 -3.95 11.50 -8.62
C GLY D 177 -4.36 12.78 -9.33
N ALA D 178 -5.46 13.37 -8.89
CA ALA D 178 -6.08 14.51 -9.57
C ALA D 178 -5.27 15.79 -9.48
N TYR D 179 -4.51 15.93 -8.40
CA TYR D 179 -3.80 17.18 -8.09
C TYR D 179 -2.30 17.02 -8.13
N SER D 180 -1.63 18.05 -8.64
CA SER D 180 -0.18 18.18 -8.57
C SER D 180 0.16 19.36 -7.69
N ALA D 181 1.25 19.24 -6.93
CA ALA D 181 1.72 20.31 -6.05
C ALA D 181 2.04 21.61 -6.82
N THR D 182 2.23 21.52 -8.14
CA THR D 182 2.52 22.71 -8.95
C THR D 182 1.30 23.26 -9.71
N ASP D 183 0.12 22.66 -9.51
CA ASP D 183 -1.10 23.16 -10.15
C ASP D 183 -1.28 24.65 -9.84
N PRO D 184 -1.68 25.45 -10.85
CA PRO D 184 -1.76 26.92 -10.71
C PRO D 184 -2.78 27.41 -9.68
N GLY D 185 -3.73 26.55 -9.31
CA GLY D 185 -4.69 26.86 -8.24
C GLY D 185 -4.29 26.35 -6.87
N ILE D 186 -3.13 25.70 -6.80
CA ILE D 186 -2.63 25.11 -5.55
C ILE D 186 -1.33 25.79 -5.10
N LEU D 187 -0.39 25.92 -6.03
CA LEU D 187 0.83 26.71 -5.84
C LEU D 187 0.56 28.10 -6.42
N ILE D 188 0.37 29.07 -5.53
CA ILE D 188 -0.17 30.37 -5.92
C ILE D 188 0.08 31.42 -4.85
N ASN D 189 0.44 32.63 -5.28
CA ASN D 189 0.48 33.77 -4.39
C ASN D 189 -0.79 34.60 -4.62
N ILE D 190 -1.71 34.55 -3.66
CA ILE D 190 -2.99 35.25 -3.80
C ILE D 190 -2.90 36.74 -3.42
N TYR D 191 -1.74 37.16 -2.91
CA TYR D 191 -1.58 38.49 -2.33
C TYR D 191 -0.88 39.50 -3.26
N TYR D 192 0.14 39.02 -3.98
CA TYR D 192 0.91 39.87 -4.89
C TYR D 192 1.66 39.10 -5.99
N PRO D 193 1.52 39.54 -7.26
CA PRO D 193 0.45 40.46 -7.66
C PRO D 193 -0.89 39.76 -7.50
N VAL D 194 -1.92 40.54 -7.13
CA VAL D 194 -3.25 39.97 -6.95
C VAL D 194 -3.67 39.30 -8.27
N PRO D 195 -4.07 38.02 -8.21
CA PRO D 195 -4.53 37.32 -9.41
C PRO D 195 -5.75 38.00 -10.03
N THR D 196 -5.88 37.93 -11.35
CA THR D 196 -7.08 38.42 -12.04
C THR D 196 -7.84 37.26 -12.67
N SER D 197 -7.29 36.06 -12.50
CA SER D 197 -7.96 34.82 -12.85
C SER D 197 -7.58 33.80 -11.79
N TYR D 198 -8.38 32.73 -11.68
CA TYR D 198 -8.06 31.64 -10.79
C TYR D 198 -8.45 30.29 -11.40
N GLN D 199 -7.47 29.40 -11.54
CA GLN D 199 -7.70 28.08 -12.12
C GLN D 199 -7.95 27.04 -11.04
C GLN D 199 -7.95 27.05 -11.03
N ASN D 200 -9.23 26.73 -10.79
CA ASN D 200 -9.59 25.68 -9.80
C ASN D 200 -8.86 24.38 -10.13
N PRO D 201 -8.29 23.73 -9.11
CA PRO D 201 -7.63 22.45 -9.42
C PRO D 201 -8.65 21.35 -9.68
N GLY D 202 -8.22 20.33 -10.42
CA GLY D 202 -9.07 19.18 -10.72
C GLY D 202 -9.87 19.34 -12.01
N PRO D 203 -10.77 18.37 -12.29
CA PRO D 203 -11.57 18.34 -13.51
C PRO D 203 -12.67 19.41 -13.53
N ALA D 204 -13.24 19.66 -14.70
CA ALA D 204 -14.38 20.58 -14.82
C ALA D 204 -15.57 20.06 -14.01
N VAL D 205 -16.38 20.98 -13.49
CA VAL D 205 -17.63 20.63 -12.81
C VAL D 205 -18.53 19.86 -13.77
N PHE D 206 -19.03 18.72 -13.32
CA PHE D 206 -20.01 17.96 -14.07
C PHE D 206 -21.37 18.65 -14.03
N SER D 207 -22.02 18.76 -15.18
CA SER D 207 -23.38 19.28 -15.26
C SER D 207 -24.24 18.41 -16.18
N CYS D 208 -25.52 18.33 -15.87
CA CYS D 208 -26.47 17.57 -16.67
C CYS D 208 -26.90 18.35 -17.89
C1 NAG E . 2.89 -34.35 1.27
C2 NAG E . 2.43 -35.52 0.41
C3 NAG E . 0.90 -35.65 0.38
C4 NAG E . 0.31 -35.56 1.79
C5 NAG E . 0.86 -34.32 2.49
C6 NAG E . 0.29 -34.07 3.88
C7 NAG E . 3.95 -36.12 -1.39
C8 NAG E . 4.43 -35.79 -2.77
N2 NAG E . 2.93 -35.38 -0.94
O3 NAG E . 0.55 -36.87 -0.23
O4 NAG E . -1.10 -35.49 1.66
O5 NAG E . 2.28 -34.43 2.55
O6 NAG E . 0.47 -32.70 4.23
O7 NAG E . 4.48 -37.00 -0.72
MG MG F . 21.55 -9.76 -14.41
S SO4 G . 0.83 -20.91 15.90
O1 SO4 G . 1.55 -19.83 15.24
O2 SO4 G . 0.73 -22.07 15.00
O3 SO4 G . 1.53 -21.30 17.11
O4 SO4 G . -0.52 -20.46 16.23
S SO4 H . -0.96 -13.61 9.89
O1 SO4 H . -1.21 -12.78 11.07
O2 SO4 H . 0.32 -13.22 9.28
O3 SO4 H . -0.91 -15.03 10.28
O4 SO4 H . -2.04 -13.44 8.92
S SO4 I . 23.12 -4.81 -15.38
O1 SO4 I . 22.65 -3.90 -14.35
O2 SO4 I . 24.31 -4.26 -16.00
O3 SO4 I . 23.40 -6.12 -14.79
O4 SO4 I . 22.08 -4.97 -16.40
C1 GOL J . 9.73 -12.60 20.47
O1 GOL J . 10.19 -12.03 21.68
C2 GOL J . 10.70 -12.28 19.34
O2 GOL J . 11.95 -12.89 19.61
C3 GOL J . 10.09 -12.77 18.03
O3 GOL J . 11.05 -12.88 16.99
C1 NAG K . 0.13 -4.55 -52.29
C2 NAG K . -0.46 -3.88 -53.53
C3 NAG K . -1.06 -4.90 -54.51
C4 NAG K . -0.18 -6.14 -54.72
C5 NAG K . 0.46 -6.61 -53.41
C6 NAG K . 1.53 -7.67 -53.71
C7 NAG K . -1.50 -1.68 -53.78
C8 NAG K . -2.66 -1.43 -54.71
N2 NAG K . -1.47 -2.89 -53.18
O3 NAG K . -1.27 -4.29 -55.77
O4 NAG K . -0.99 -7.17 -55.25
O5 NAG K . 1.06 -5.53 -52.72
O6 NAG K . 0.98 -8.96 -53.46
O7 NAG K . -0.66 -0.81 -53.58
MG MG L . -12.67 4.85 -21.32
S SO4 M . 5.56 -21.13 -42.90
O1 SO4 M . 4.86 -21.01 -41.62
O2 SO4 M . 5.23 -20.01 -43.76
O3 SO4 M . 7.00 -21.14 -42.66
O4 SO4 M . 5.15 -22.38 -43.55
S SO4 N . 11.14 -10.48 -50.56
O1 SO4 N . 10.68 -11.75 -50.00
O2 SO4 N . 10.11 -9.47 -50.39
O3 SO4 N . 12.36 -10.07 -49.88
O4 SO4 N . 11.42 -10.65 -51.99
S SO4 O . -2.73 -22.11 -37.48
O1 SO4 O . -2.34 -23.48 -37.10
O2 SO4 O . -2.30 -21.17 -36.44
O3 SO4 O . -2.10 -21.78 -38.76
O4 SO4 O . -4.18 -22.05 -37.61
C1 NAG P . 4.02 6.59 52.57
C2 NAG P . 4.93 6.31 53.78
C3 NAG P . 4.12 5.62 54.88
C4 NAG P . 2.83 6.38 55.19
C5 NAG P . 2.07 6.70 53.89
C6 NAG P . 0.80 7.50 54.10
C7 NAG P . 7.28 6.10 53.18
C8 NAG P . 8.32 5.92 54.25
N2 NAG P . 6.09 5.53 53.40
O3 NAG P . 4.90 5.52 56.06
O4 NAG P . 2.02 5.59 56.04
O5 NAG P . 2.95 7.41 53.00
O6 NAG P . -0.17 7.11 53.15
O7 NAG P . 7.52 6.77 52.17
MG MG Q . 7.77 -10.56 22.59
S SO4 R . -13.98 10.77 45.93
O1 SO4 R . -14.24 10.13 44.64
O2 SO4 R . -12.70 10.33 46.46
O3 SO4 R . -13.95 12.22 45.77
O4 SO4 R . -15.03 10.41 46.87
S SO4 S . -16.00 1.69 42.37
O1 SO4 S . -17.37 2.01 41.96
O2 SO4 S . -15.09 1.81 41.22
O3 SO4 S . -15.58 2.64 43.41
O4 SO4 S . -15.94 0.34 42.93
S SO4 T . -13.94 8.29 -17.95
O1 SO4 T . -14.49 8.72 -16.66
O2 SO4 T . -12.52 8.65 -18.03
O3 SO4 T . -14.09 6.84 -18.07
O4 SO4 T . -14.64 8.95 -19.05
C1 NAG U . -33.01 5.60 4.14
C2 NAG U . -34.18 5.55 5.13
C3 NAG U . -34.26 4.15 5.73
C4 NAG U . -34.34 3.08 4.64
C5 NAG U . -33.31 3.32 3.53
C6 NAG U . -33.58 2.44 2.32
C7 NAG U . -34.97 7.53 6.32
C8 NAG U . -36.04 7.34 7.37
N2 NAG U . -34.08 6.54 6.19
O3 NAG U . -35.39 4.06 6.57
O4 NAG U . -34.13 1.81 5.22
O5 NAG U . -33.30 4.68 3.10
O6 NAG U . -32.42 2.41 1.50
O7 NAG U . -34.93 8.57 5.64
MG MG V . -6.04 26.66 9.95
C1 GOL W . -4.55 28.81 11.82
O1 GOL W . -5.90 28.45 11.98
C2 GOL W . -4.45 30.30 11.55
O2 GOL W . -5.14 30.97 12.58
C3 GOL W . -2.99 30.70 11.57
O3 GOL W . -2.87 32.10 11.69
S SO4 X . -22.38 -0.91 -11.20
O1 SO4 X . -21.11 -0.21 -11.31
O2 SO4 X . -23.21 -0.29 -10.17
O3 SO4 X . -23.08 -0.84 -12.48
O4 SO4 X . -22.13 -2.31 -10.84
S SO4 Y . -34.86 4.84 -8.44
O1 SO4 Y . -33.78 4.26 -9.22
O2 SO4 Y . -34.34 5.36 -7.18
O3 SO4 Y . -35.48 5.93 -9.20
O4 SO4 Y . -35.87 3.83 -8.16
#